data_7D9O
#
_entry.id   7D9O
#
_cell.length_a   104.866
_cell.length_b   104.866
_cell.length_c   324.416
_cell.angle_alpha   90.000
_cell.angle_beta   90.000
_cell.angle_gamma   120.000
#
_symmetry.space_group_name_H-M   'P 31 2 1'
#
loop_
_entity.id
_entity.type
_entity.pdbx_description
1 polymer Acetylcholinesterase
2 branched 2-acetamido-2-deoxy-beta-D-glucopyranose-(1-4)-[alpha-L-fucopyranose-(1-6)]2-acetamido-2-deoxy-beta-D-glucopyranose
3 non-polymer (2R)-2-[[4-fluoranyl-1-[(4-fluorophenyl)methyl]piperidin-4-yl]methyl]-5,6-dimethoxy-2,3-dihydroinden-1-one
4 water water
#
_entity_poly.entity_id   1
_entity_poly.type   'polypeptide(L)'
_entity_poly.pdbx_seq_one_letter_code
;GSHHHHHHHHEGREDAELLVTVRGGRLRGIRLKTPGGPVSAFLGIPFAEPPMGPRRFLPPEPKQPWSGVVDATTFQSVCY
QYVDTLYPGFEGTEMWNPNRELSEDCLYLNVWTPYPRPTSPTPVLVWIYGGGFYSGASSLDVYDGRFLVQAERTVLVSMN
YRVGAFGFLALPGSREAPGNVGLLDQRLALQWVQENVAAFGGDPTSVTLFGESAGAASVGMHLLSPPSRGLFHRAVLQSG
APNGPWATVGMGEARRRATQLAHLVGCPPGGTGGNDTELVACLRTRPAQVLVNHEWHVLPQESVFRFSFVPVVDGDFLSD
TPEALINAGDFHGLQVLVGVVKDEGSYFLVYGAPGFSKDNESLISRAEFLAGVRVGVPQVSDLAAEAVVLHYTDWLHPED
PARLREALSDVVGDHNVVCPVAQLAGRLAAQGARVYAYVFEHRASTLSWPLWMGVPHGYEIEFIFGIPLDPSRNYTAEEK
IFAQRLMRYWANFARTGDPNEPRDPKAPQWPPYTAGAQQYVSLDLRPLEVRRGLRAQACAFWNRFLPKLLSAT
;
_entity_poly.pdbx_strand_id   A,B
#
loop_
_chem_comp.id
_chem_comp.type
_chem_comp.name
_chem_comp.formula
FUC L-saccharide, alpha linking alpha-L-fucopyranose 'C6 H12 O5'
H0L non-polymer (2R)-2-[[4-fluoranyl-1-[(4-fluorophenyl)methyl]piperidin-4-yl]methyl]-5,6-dimethoxy-2,3-dihydroinden-1-one 'C24 H27 F2 N O3'
NAG D-saccharide, beta linking 2-acetamido-2-deoxy-beta-D-glucopyranose 'C8 H15 N O6'
#
# COMPACT_ATOMS: atom_id res chain seq x y z
N GLU A 14 12.19 44.23 23.45
CA GLU A 14 12.63 43.28 22.44
C GLU A 14 14.15 43.23 22.37
N ASP A 15 14.67 42.20 21.72
CA ASP A 15 16.10 41.93 21.63
C ASP A 15 16.58 42.23 20.21
N ALA A 16 17.44 43.26 20.07
CA ALA A 16 17.97 43.62 18.76
C ALA A 16 18.84 42.52 18.16
N GLU A 17 19.40 41.64 19.00
CA GLU A 17 20.21 40.55 18.48
C GLU A 17 19.39 39.58 17.64
N LEU A 18 18.09 39.52 17.86
CA LEU A 18 17.21 38.55 17.24
C LEU A 18 16.41 39.13 16.10
N LEU A 19 16.60 40.40 15.80
CA LEU A 19 15.99 41.01 14.64
C LEU A 19 17.04 41.11 13.54
N VAL A 20 16.72 40.58 12.36
CA VAL A 20 17.64 40.52 11.25
C VAL A 20 16.87 40.83 9.99
N THR A 21 17.50 41.59 9.10
CA THR A 21 16.95 41.90 7.80
C THR A 21 17.81 41.21 6.76
N VAL A 22 17.15 40.41 5.90
CA VAL A 22 17.82 39.74 4.79
C VAL A 22 17.19 40.33 3.54
N ARG A 23 17.64 39.87 2.37
CA ARG A 23 17.22 40.50 1.13
C ARG A 23 15.71 40.52 0.98
N GLY A 24 15.03 39.48 1.45
CA GLY A 24 13.61 39.44 1.21
C GLY A 24 12.77 40.17 2.25
N GLY A 25 13.35 40.54 3.37
CA GLY A 25 12.61 41.25 4.41
C GLY A 25 13.19 40.96 5.78
N ARG A 26 12.31 41.06 6.78
CA ARG A 26 12.73 41.04 8.17
C ARG A 26 12.35 39.73 8.84
N LEU A 27 13.22 39.29 9.78
CA LEU A 27 13.09 38.05 10.52
C LEU A 27 13.17 38.32 12.02
N ARG A 28 12.43 37.52 12.80
CA ARG A 28 12.61 37.50 14.25
C ARG A 28 13.06 36.12 14.71
N GLY A 29 14.22 36.07 15.36
CA GLY A 29 14.77 34.83 15.84
C GLY A 29 14.38 34.51 17.27
N ILE A 30 15.19 33.67 17.90
CA ILE A 30 14.92 33.22 19.25
C ILE A 30 16.24 32.82 19.88
N ARG A 31 16.40 33.17 21.15
CA ARG A 31 17.57 32.78 21.93
C ARG A 31 17.38 31.36 22.42
N LEU A 32 18.43 30.55 22.29
CA LEU A 32 18.42 29.16 22.74
C LEU A 32 19.49 28.96 23.79
N LYS A 33 19.23 28.07 24.74
CA LYS A 33 20.14 27.79 25.83
C LYS A 33 20.92 26.50 25.55
N THR A 34 22.20 26.49 25.91
CA THR A 34 23.04 25.30 25.94
C THR A 34 23.77 25.31 27.28
N PRO A 35 24.34 24.18 27.69
CA PRO A 35 25.13 24.18 28.94
C PRO A 35 26.29 25.15 28.93
N GLY A 36 26.71 25.66 27.77
CA GLY A 36 27.81 26.59 27.69
C GLY A 36 27.43 28.03 27.42
N GLY A 37 26.14 28.36 27.40
CA GLY A 37 25.73 29.71 27.12
C GLY A 37 24.72 29.76 25.99
N PRO A 38 24.17 30.94 25.73
CA PRO A 38 23.14 31.05 24.70
C PRO A 38 23.70 31.04 23.27
N VAL A 39 22.74 31.04 22.36
CA VAL A 39 22.84 30.88 20.92
C VAL A 39 21.64 31.56 20.32
N SER A 40 21.87 32.24 19.20
CA SER A 40 20.79 32.85 18.41
C SER A 40 20.37 31.84 17.36
N ALA A 41 19.06 31.68 17.17
CA ALA A 41 18.54 30.75 16.19
C ALA A 41 17.49 31.42 15.32
N PHE A 42 17.60 31.24 14.01
CA PHE A 42 16.63 31.74 13.05
C PHE A 42 16.14 30.52 12.28
N LEU A 43 14.94 30.08 12.62
CA LEU A 43 14.40 28.79 12.18
C LEU A 43 13.19 29.04 11.31
N GLY A 44 13.14 28.36 10.17
CA GLY A 44 11.99 28.46 9.28
C GLY A 44 12.00 29.68 8.39
N ILE A 45 13.18 30.10 7.94
CA ILE A 45 13.30 31.19 6.97
C ILE A 45 12.91 30.68 5.58
N PRO A 46 11.93 31.29 4.92
CA PRO A 46 11.57 30.84 3.56
C PRO A 46 12.64 31.24 2.56
N PHE A 47 13.10 30.27 1.74
CA PHE A 47 14.07 30.58 0.70
C PHE A 47 13.58 30.29 -0.70
N ALA A 48 12.35 29.79 -0.86
CA ALA A 48 11.77 29.53 -2.16
C ALA A 48 10.28 29.80 -2.09
N GLU A 49 9.68 29.99 -3.25
CA GLU A 49 8.23 29.94 -3.34
C GLU A 49 7.75 28.52 -3.06
N PRO A 50 6.64 28.36 -2.32
CA PRO A 50 6.11 27.01 -2.04
C PRO A 50 5.89 26.23 -3.32
N PRO A 51 6.52 25.04 -3.46
CA PRO A 51 6.42 24.26 -4.70
C PRO A 51 5.14 23.41 -4.75
N MET A 52 4.01 24.08 -4.85
CA MET A 52 2.71 23.45 -4.74
C MET A 52 1.91 23.65 -6.02
N GLY A 53 0.85 22.87 -6.15
CA GLY A 53 -0.03 22.96 -7.29
C GLY A 53 0.74 22.79 -8.58
N PRO A 54 0.69 23.80 -9.45
CA PRO A 54 1.42 23.71 -10.72
C PRO A 54 2.92 23.75 -10.55
N ARG A 55 3.41 24.11 -9.37
CA ARG A 55 4.86 24.11 -9.15
C ARG A 55 5.40 22.76 -8.67
N ARG A 56 4.55 21.79 -8.38
CA ARG A 56 5.04 20.46 -8.07
C ARG A 56 5.88 19.92 -9.23
N PHE A 57 7.01 19.31 -8.89
CA PHE A 57 8.02 18.77 -9.79
C PHE A 57 8.84 19.85 -10.50
N LEU A 58 8.55 21.15 -10.28
CA LEU A 58 9.34 22.12 -11.01
C LEU A 58 10.52 22.62 -10.18
N PRO A 59 11.55 23.17 -10.83
CA PRO A 59 12.67 23.73 -10.09
C PRO A 59 12.19 24.79 -9.10
N PRO A 60 12.92 24.98 -8.02
CA PRO A 60 12.48 25.94 -7.02
C PRO A 60 12.59 27.34 -7.57
N GLU A 61 11.76 28.23 -7.08
CA GLU A 61 12.12 29.56 -7.50
C GLU A 61 12.18 30.52 -6.33
N PRO A 62 13.01 31.55 -6.44
CA PRO A 62 13.38 32.34 -5.26
C PRO A 62 12.17 32.95 -4.59
N LYS A 63 12.25 33.05 -3.27
CA LYS A 63 11.16 33.56 -2.47
C LYS A 63 10.97 35.05 -2.76
N GLN A 64 9.76 35.42 -3.16
N GLN A 64 9.76 35.43 -3.18
CA GLN A 64 9.45 36.83 -3.39
CA GLN A 64 9.48 36.83 -3.39
C GLN A 64 9.54 37.58 -2.07
C GLN A 64 9.56 37.58 -2.07
N PRO A 65 10.01 38.83 -2.08
CA PRO A 65 10.09 39.62 -0.83
C PRO A 65 8.74 39.74 -0.11
N TRP A 66 8.84 39.91 1.20
CA TRP A 66 7.66 40.02 2.06
C TRP A 66 7.72 41.32 2.86
N SER A 67 6.56 41.76 3.31
CA SER A 67 6.48 42.87 4.25
C SER A 67 6.15 42.33 5.63
N GLY A 68 6.42 43.13 6.64
CA GLY A 68 6.27 42.67 8.00
C GLY A 68 7.43 41.78 8.42
N VAL A 69 7.28 41.14 9.57
CA VAL A 69 8.35 40.36 10.19
C VAL A 69 7.96 38.90 10.15
N VAL A 70 8.78 38.10 9.45
CA VAL A 70 8.59 36.65 9.43
C VAL A 70 8.98 36.10 10.81
N ASP A 71 8.09 35.30 11.39
CA ASP A 71 8.38 34.58 12.63
C ASP A 71 9.37 33.45 12.36
N ALA A 72 10.59 33.59 12.85
CA ALA A 72 11.61 32.55 12.69
C ALA A 72 12.00 31.92 14.02
N THR A 73 11.03 31.47 14.82
CA THR A 73 11.33 30.95 16.15
C THR A 73 11.01 29.47 16.29
N THR A 74 10.48 28.82 15.26
CA THR A 74 10.27 27.38 15.33
C THR A 74 10.56 26.76 13.96
N PHE A 75 10.81 25.46 13.95
CA PHE A 75 11.04 24.76 12.70
C PHE A 75 9.75 24.75 11.88
N GLN A 76 9.90 24.77 10.57
CA GLN A 76 8.74 24.72 9.69
C GLN A 76 8.46 23.28 9.30
N SER A 77 7.47 23.08 8.43
CA SER A 77 7.02 21.74 8.05
C SER A 77 8.14 20.90 7.43
N VAL A 78 7.91 19.59 7.44
CA VAL A 78 8.76 18.58 6.83
C VAL A 78 8.22 18.29 5.43
N CYS A 79 9.09 18.19 4.44
CA CYS A 79 8.65 17.85 3.09
C CYS A 79 8.00 16.48 3.11
N TYR A 80 6.89 16.30 2.36
CA TYR A 80 6.25 14.98 2.33
C TYR A 80 7.24 13.86 2.10
N GLN A 81 7.07 12.79 2.88
CA GLN A 81 7.93 11.64 2.82
C GLN A 81 7.27 10.47 3.51
N TYR A 82 7.72 9.28 3.10
CA TYR A 82 7.37 8.04 3.76
C TYR A 82 7.84 8.06 5.21
N VAL A 83 7.02 7.50 6.10
CA VAL A 83 7.32 7.43 7.53
C VAL A 83 7.61 5.97 7.90
N ASP A 84 8.78 5.73 8.49
CA ASP A 84 9.19 4.37 8.81
C ASP A 84 8.29 3.77 9.89
N THR A 85 7.67 2.62 9.59
CA THR A 85 6.82 1.91 10.52
C THR A 85 7.36 0.52 10.88
N LEU A 86 8.67 0.29 10.74
CA LEU A 86 9.20 -1.07 10.90
C LEU A 86 9.11 -1.54 12.35
N TYR A 87 9.47 -0.69 13.30
CA TYR A 87 9.43 -1.04 14.72
C TYR A 87 8.70 0.09 15.43
N PRO A 88 7.37 0.14 15.30
CA PRO A 88 6.62 1.30 15.77
C PRO A 88 6.91 1.60 17.23
N GLY A 89 7.18 2.87 17.51
CA GLY A 89 7.52 3.32 18.85
C GLY A 89 8.94 3.06 19.29
N PHE A 90 9.76 2.40 18.47
CA PHE A 90 11.15 2.13 18.83
C PHE A 90 11.98 3.39 18.64
N GLU A 91 12.76 3.75 19.66
CA GLU A 91 13.66 4.91 19.57
C GLU A 91 14.56 4.84 18.34
N GLY A 92 15.14 3.67 18.07
CA GLY A 92 16.07 3.54 16.96
C GLY A 92 15.50 3.96 15.61
N THR A 93 14.22 3.70 15.36
CA THR A 93 13.62 4.14 14.10
C THR A 93 12.93 5.49 14.20
N GLU A 94 12.38 5.83 15.36
CA GLU A 94 11.60 7.07 15.46
C GLU A 94 12.48 8.31 15.43
N MET A 95 13.72 8.22 15.94
CA MET A 95 14.59 9.39 15.95
C MET A 95 14.82 9.97 14.55
N TRP A 96 14.56 9.19 13.49
CA TRP A 96 14.66 9.65 12.10
C TRP A 96 13.34 10.05 11.47
N ASN A 97 12.22 9.80 12.13
CA ASN A 97 10.94 10.10 11.51
C ASN A 97 10.58 11.58 11.65
N PRO A 98 9.71 12.11 10.79
CA PRO A 98 9.36 13.54 10.86
C PRO A 98 8.88 13.94 12.24
N ASN A 99 9.36 15.09 12.71
CA ASN A 99 8.90 15.65 13.98
C ASN A 99 8.21 17.00 13.79
N ARG A 100 7.64 17.22 12.61
CA ARG A 100 6.75 18.35 12.34
C ARG A 100 5.73 17.85 11.33
N GLU A 101 4.69 18.64 11.07
CA GLU A 101 3.71 18.23 10.08
C GLU A 101 4.36 18.10 8.71
N LEU A 102 3.83 17.17 7.91
CA LEU A 102 4.22 17.05 6.52
C LEU A 102 3.49 18.08 5.68
N SER A 103 4.22 18.70 4.76
CA SER A 103 3.62 19.64 3.82
C SER A 103 4.53 19.77 2.61
N GLU A 104 3.92 20.01 1.46
CA GLU A 104 4.68 20.40 0.27
C GLU A 104 5.26 21.82 0.41
N ASP A 105 4.66 22.64 1.26
CA ASP A 105 5.19 23.95 1.62
C ASP A 105 6.25 23.72 2.70
N CYS A 106 7.47 23.41 2.25
CA CYS A 106 8.51 22.97 3.18
C CYS A 106 9.89 23.56 2.90
N LEU A 107 10.02 24.47 1.93
CA LEU A 107 11.33 24.98 1.54
C LEU A 107 11.73 26.15 2.46
N TYR A 108 12.20 25.78 3.65
CA TYR A 108 12.68 26.71 4.65
C TYR A 108 14.08 26.28 5.06
N LEU A 109 14.86 27.22 5.57
CA LEU A 109 16.18 26.90 6.11
C LEU A 109 16.35 27.54 7.49
N ASN A 110 17.44 27.17 8.16
CA ASN A 110 17.66 27.53 9.54
C ASN A 110 19.07 28.04 9.70
N VAL A 111 19.24 29.08 10.52
CA VAL A 111 20.56 29.65 10.83
C VAL A 111 20.71 29.67 12.33
N TRP A 112 21.83 29.15 12.82
CA TRP A 112 22.23 29.21 14.21
C TRP A 112 23.53 30.00 14.25
N THR A 113 23.62 30.94 15.19
CA THR A 113 24.81 31.78 15.25
C THR A 113 25.11 32.07 16.73
N PRO A 114 26.37 32.34 17.08
CA PRO A 114 26.67 32.68 18.47
C PRO A 114 25.86 33.89 18.94
N TYR A 115 25.65 33.97 20.27
CA TYR A 115 24.99 35.09 20.92
C TYR A 115 25.97 35.85 21.81
N PRO A 116 26.09 37.18 21.65
CA PRO A 116 25.36 37.93 20.62
C PRO A 116 26.01 37.72 19.25
N ARG A 117 25.31 38.11 18.19
CA ARG A 117 25.74 37.76 16.84
C ARG A 117 27.19 38.19 16.62
N PRO A 118 28.00 37.37 15.96
CA PRO A 118 29.35 37.83 15.63
C PRO A 118 29.28 39.09 14.80
N THR A 119 30.14 40.03 15.14
CA THR A 119 30.23 41.29 14.43
C THR A 119 31.35 41.27 13.40
N SER A 120 32.00 40.13 13.24
CA SER A 120 33.08 39.92 12.32
C SER A 120 32.93 38.55 11.66
N PRO A 121 33.32 38.42 10.39
CA PRO A 121 32.94 37.24 9.59
C PRO A 121 33.45 35.93 10.16
N THR A 122 32.50 35.02 10.45
CA THR A 122 32.55 33.68 11.03
C THR A 122 32.45 32.61 9.94
N PRO A 123 33.29 31.58 9.96
CA PRO A 123 33.14 30.49 8.98
C PRO A 123 31.79 29.81 9.09
N VAL A 124 31.27 29.36 7.94
CA VAL A 124 29.91 28.83 7.82
C VAL A 124 29.96 27.34 7.52
N LEU A 125 29.23 26.55 8.30
CA LEU A 125 28.97 25.14 8.04
C LEU A 125 27.54 25.00 7.54
N VAL A 126 27.36 24.34 6.40
CA VAL A 126 26.04 24.06 5.84
C VAL A 126 25.77 22.55 5.90
N TRP A 127 24.72 22.18 6.61
CA TRP A 127 24.34 20.76 6.77
C TRP A 127 23.30 20.32 5.75
N ILE A 128 23.56 19.24 5.04
CA ILE A 128 22.54 18.64 4.14
C ILE A 128 22.22 17.26 4.75
N TYR A 129 20.97 17.05 5.10
CA TYR A 129 20.54 15.79 5.76
C TYR A 129 20.48 14.61 4.81
N GLY A 130 20.61 13.41 5.36
CA GLY A 130 20.46 12.17 4.58
C GLY A 130 19.06 11.62 4.68
N GLY A 131 18.83 10.42 4.19
CA GLY A 131 17.48 9.86 4.16
C GLY A 131 17.14 9.19 2.86
N GLY A 132 18.14 8.85 2.06
CA GLY A 132 17.93 8.08 0.80
C GLY A 132 17.30 8.88 -0.31
N PHE A 133 17.25 10.21 -0.19
CA PHE A 133 16.61 11.10 -1.19
C PHE A 133 15.09 10.90 -1.11
N TYR A 134 14.61 10.22 -0.07
CA TYR A 134 13.18 9.90 0.07
C TYR A 134 12.68 10.43 1.41
N SER A 135 13.61 10.79 2.28
CA SER A 135 13.24 11.17 3.64
C SER A 135 14.23 12.16 4.21
N GLY A 136 13.92 12.67 5.40
CA GLY A 136 14.81 13.59 6.09
C GLY A 136 14.16 14.90 6.43
N ALA A 137 14.79 15.63 7.34
CA ALA A 137 14.24 16.92 7.79
C ALA A 137 15.32 17.64 8.58
N SER A 138 15.43 18.94 8.40
CA SER A 138 16.41 19.73 9.13
C SER A 138 16.03 19.94 10.61
N SER A 139 14.83 19.53 11.02
CA SER A 139 14.34 19.77 12.38
C SER A 139 14.59 18.61 13.33
N LEU A 140 15.10 17.47 12.86
CA LEU A 140 15.34 16.34 13.74
C LEU A 140 16.23 16.75 14.90
N ASP A 141 15.95 16.18 16.07
CA ASP A 141 16.72 16.51 17.28
C ASP A 141 18.20 16.27 17.08
N VAL A 142 18.55 15.22 16.33
CA VAL A 142 19.95 14.84 16.20
C VAL A 142 20.73 15.80 15.32
N TYR A 143 20.05 16.73 14.64
CA TYR A 143 20.72 17.78 13.87
C TYR A 143 20.64 19.15 14.55
N ASP A 144 20.44 19.19 15.86
CA ASP A 144 20.37 20.47 16.61
C ASP A 144 21.72 21.16 16.53
N GLY A 145 21.77 22.40 16.03
CA GLY A 145 23.04 23.12 15.81
C GLY A 145 23.54 23.97 16.96
N ARG A 146 22.82 24.00 18.09
CA ARG A 146 23.19 24.89 19.22
C ARG A 146 24.56 24.57 19.82
N PHE A 147 24.94 23.30 19.88
CA PHE A 147 26.20 22.89 20.57
C PHE A 147 27.45 23.22 19.75
N LEU A 148 27.42 22.93 18.44
CA LEU A 148 28.58 23.21 17.55
C LEU A 148 28.79 24.71 17.47
N VAL A 149 27.70 25.47 17.48
CA VAL A 149 27.78 26.94 17.32
C VAL A 149 28.37 27.58 18.59
N GLN A 150 28.03 27.06 19.77
CA GLN A 150 28.50 27.67 21.03
C GLN A 150 29.96 27.32 21.25
N ALA A 151 30.34 26.08 21.03
CA ALA A 151 31.70 25.62 21.34
C ALA A 151 32.70 26.01 20.25
N GLU A 152 32.26 25.99 18.99
CA GLU A 152 33.24 26.20 17.90
C GLU A 152 33.09 27.57 17.26
N ARG A 153 32.07 28.33 17.65
CA ARG A 153 31.88 29.73 17.18
C ARG A 153 31.83 29.83 15.65
N THR A 154 31.08 28.94 15.00
CA THR A 154 30.80 29.02 13.59
C THR A 154 29.35 29.41 13.39
N VAL A 155 29.01 29.79 12.18
CA VAL A 155 27.61 29.87 11.79
C VAL A 155 27.21 28.54 11.17
N LEU A 156 26.07 28.01 11.60
CA LEU A 156 25.55 26.75 11.08
C LEU A 156 24.25 27.04 10.34
N VAL A 157 24.18 26.57 9.09
CA VAL A 157 22.96 26.67 8.28
C VAL A 157 22.54 25.25 7.91
N SER A 158 21.23 25.02 7.90
CA SER A 158 20.70 23.78 7.38
C SER A 158 19.42 24.12 6.64
N MET A 159 19.07 23.29 5.65
CA MET A 159 17.89 23.55 4.84
C MET A 159 17.10 22.27 4.63
N ASN A 160 15.82 22.47 4.33
CA ASN A 160 14.96 21.41 3.84
C ASN A 160 15.03 21.38 2.32
N TYR A 161 15.02 20.17 1.75
CA TYR A 161 14.93 20.03 0.31
C TYR A 161 13.93 18.92 0.00
N ARG A 162 13.28 19.03 -1.15
CA ARG A 162 12.26 18.05 -1.52
C ARG A 162 12.84 16.65 -1.70
N VAL A 163 12.11 15.65 -1.23
CA VAL A 163 12.55 14.28 -1.31
C VAL A 163 11.49 13.45 -2.03
N GLY A 164 11.81 12.17 -2.25
CA GLY A 164 10.92 11.25 -2.92
C GLY A 164 10.54 11.77 -4.29
N ALA A 165 9.32 11.44 -4.72
CA ALA A 165 8.88 11.87 -6.05
C ALA A 165 8.88 13.38 -6.19
N PHE A 166 8.56 14.10 -5.11
CA PHE A 166 8.52 15.57 -5.17
C PHE A 166 9.87 16.16 -5.51
N GLY A 167 10.96 15.55 -5.05
CA GLY A 167 12.26 16.10 -5.37
C GLY A 167 12.96 15.47 -6.54
N PHE A 168 12.61 14.22 -6.91
CA PHE A 168 13.44 13.51 -7.87
C PHE A 168 12.68 12.69 -8.90
N LEU A 169 11.36 12.75 -8.95
CA LEU A 169 10.67 12.14 -10.07
C LEU A 169 11.10 12.82 -11.35
N ALA A 170 11.43 12.02 -12.36
CA ALA A 170 12.06 12.54 -13.57
C ALA A 170 11.46 11.86 -14.79
N LEU A 171 10.92 12.67 -15.69
CA LEU A 171 10.66 12.27 -17.07
C LEU A 171 11.71 12.99 -17.91
N PRO A 172 12.85 12.37 -18.17
CA PRO A 172 14.00 13.13 -18.69
C PRO A 172 13.70 13.75 -20.04
N GLY A 173 14.20 14.98 -20.21
CA GLY A 173 13.92 15.79 -21.37
C GLY A 173 12.61 16.56 -21.31
N SER A 174 11.73 16.24 -20.36
CA SER A 174 10.44 16.92 -20.28
C SER A 174 10.58 18.27 -19.61
N ARG A 175 9.67 19.17 -19.96
CA ARG A 175 9.63 20.46 -19.29
C ARG A 175 8.92 20.38 -17.94
N GLU A 176 8.02 19.42 -17.75
CA GLU A 176 7.13 19.44 -16.60
C GLU A 176 7.66 18.66 -15.41
N ALA A 177 8.59 17.73 -15.64
CA ALA A 177 9.23 16.96 -14.55
C ALA A 177 10.68 16.69 -14.93
N PRO A 178 11.54 17.71 -14.88
CA PRO A 178 12.90 17.57 -15.41
C PRO A 178 13.81 16.67 -14.57
N GLY A 179 13.52 16.48 -13.30
CA GLY A 179 14.47 15.73 -12.51
C GLY A 179 15.38 16.62 -11.69
N ASN A 180 15.81 16.10 -10.55
CA ASN A 180 16.85 16.70 -9.72
C ASN A 180 16.41 17.99 -9.02
N VAL A 181 15.11 18.29 -8.96
CA VAL A 181 14.71 19.58 -8.36
C VAL A 181 15.03 19.63 -6.87
N GLY A 182 15.09 18.50 -6.17
CA GLY A 182 15.57 18.54 -4.78
C GLY A 182 17.01 19.00 -4.67
N LEU A 183 17.85 18.63 -5.63
CA LEU A 183 19.21 19.16 -5.68
C LEU A 183 19.22 20.64 -6.01
N LEU A 184 18.27 21.08 -6.84
CA LEU A 184 18.19 22.51 -7.12
C LEU A 184 17.70 23.29 -5.90
N ASP A 185 16.83 22.70 -5.06
CA ASP A 185 16.47 23.30 -3.77
C ASP A 185 17.72 23.52 -2.93
N GLN A 186 18.57 22.50 -2.84
CA GLN A 186 19.84 22.66 -2.13
C GLN A 186 20.68 23.78 -2.74
N ARG A 187 20.85 23.80 -4.05
CA ARG A 187 21.63 24.85 -4.69
C ARG A 187 21.07 26.24 -4.35
N LEU A 188 19.74 26.38 -4.40
CA LEU A 188 19.13 27.67 -4.07
C LEU A 188 19.43 28.08 -2.64
N ALA A 189 19.35 27.15 -1.69
CA ALA A 189 19.70 27.48 -0.32
C ALA A 189 21.15 27.93 -0.23
N LEU A 190 22.06 27.27 -0.96
CA LEU A 190 23.46 27.69 -0.99
C LEU A 190 23.63 29.08 -1.59
N GLN A 191 22.81 29.42 -2.61
CA GLN A 191 22.86 30.77 -3.12
C GLN A 191 22.30 31.76 -2.12
N TRP A 192 21.20 31.40 -1.46
CA TRP A 192 20.69 32.23 -0.38
C TRP A 192 21.79 32.53 0.63
N VAL A 193 22.58 31.51 1.00
CA VAL A 193 23.65 31.71 1.96
C VAL A 193 24.66 32.71 1.43
N GLN A 194 25.01 32.61 0.15
CA GLN A 194 25.95 33.57 -0.44
C GLN A 194 25.46 35.00 -0.29
N GLU A 195 24.16 35.23 -0.52
CA GLU A 195 23.66 36.59 -0.50
C GLU A 195 23.31 37.11 0.90
N ASN A 196 23.01 36.24 1.86
CA ASN A 196 22.39 36.68 3.10
C ASN A 196 23.13 36.31 4.38
N VAL A 197 24.10 35.40 4.33
CA VAL A 197 24.63 34.91 5.61
C VAL A 197 25.43 35.97 6.34
N ALA A 198 25.93 36.99 5.62
CA ALA A 198 26.66 38.06 6.29
C ALA A 198 25.76 38.82 7.26
N ALA A 199 24.46 38.87 6.97
CA ALA A 199 23.50 39.53 7.85
C ALA A 199 23.41 38.87 9.22
N PHE A 200 24.03 37.69 9.37
CA PHE A 200 24.09 36.95 10.64
C PHE A 200 25.49 36.87 11.19
N GLY A 201 26.48 37.44 10.49
CA GLY A 201 27.87 37.36 10.90
C GLY A 201 28.67 36.27 10.21
N GLY A 202 28.07 35.52 9.30
CA GLY A 202 28.80 34.50 8.60
C GLY A 202 29.57 35.09 7.44
N ASP A 203 30.68 34.44 7.12
CA ASP A 203 31.58 34.81 6.04
C ASP A 203 31.24 34.02 4.78
N PRO A 204 30.58 34.61 3.77
CA PRO A 204 30.24 33.83 2.57
C PRO A 204 31.43 33.38 1.76
N THR A 205 32.65 33.81 2.11
CA THR A 205 33.85 33.31 1.45
C THR A 205 34.44 32.08 2.14
N SER A 206 33.81 31.58 3.21
CA SER A 206 34.27 30.36 3.90
C SER A 206 33.06 29.50 4.25
N VAL A 207 32.56 28.75 3.26
CA VAL A 207 31.41 27.87 3.45
C VAL A 207 31.88 26.44 3.29
N THR A 208 31.72 25.64 4.35
CA THR A 208 31.97 24.20 4.30
C THR A 208 30.63 23.48 4.21
N LEU A 209 30.45 22.68 3.17
CA LEU A 209 29.34 21.74 3.11
C LEU A 209 29.66 20.47 3.87
N PHE A 210 28.67 19.96 4.60
CA PHE A 210 28.84 18.64 5.20
C PHE A 210 27.50 17.96 5.23
N GLY A 211 27.54 16.63 5.05
CA GLY A 211 26.34 15.82 4.96
C GLY A 211 26.65 14.37 5.28
N GLU A 212 25.59 13.65 5.64
CA GLU A 212 25.72 12.23 5.92
C GLU A 212 24.81 11.43 4.97
N SER A 213 25.29 10.26 4.54
CA SER A 213 24.52 9.30 3.72
C SER A 213 24.05 9.99 2.44
N ALA A 214 22.75 10.12 2.17
CA ALA A 214 22.35 10.82 0.95
C ALA A 214 22.71 12.31 1.00
N GLY A 215 22.91 12.86 2.20
CA GLY A 215 23.46 14.21 2.30
C GLY A 215 24.92 14.27 1.86
N ALA A 216 25.69 13.23 2.17
CA ALA A 216 27.07 13.16 1.67
C ALA A 216 27.08 13.00 0.15
N ALA A 217 26.19 12.16 -0.39
CA ALA A 217 26.08 12.04 -1.84
C ALA A 217 25.72 13.37 -2.47
N SER A 218 24.84 14.14 -1.81
CA SER A 218 24.46 15.46 -2.32
C SER A 218 25.66 16.40 -2.35
N VAL A 219 26.42 16.44 -1.25
CA VAL A 219 27.65 17.22 -1.21
C VAL A 219 28.53 16.86 -2.41
N GLY A 220 28.78 15.56 -2.61
CA GLY A 220 29.60 15.13 -3.73
C GLY A 220 29.05 15.58 -5.06
N MET A 221 27.73 15.61 -5.19
CA MET A 221 27.14 16.02 -6.45
C MET A 221 27.32 17.51 -6.69
N HIS A 222 27.28 18.32 -5.63
CA HIS A 222 27.61 19.73 -5.79
C HIS A 222 29.09 19.93 -6.14
N LEU A 223 29.98 19.04 -5.66
CA LEU A 223 31.38 19.10 -6.11
C LEU A 223 31.49 18.94 -7.62
N LEU A 224 30.68 18.08 -8.20
CA LEU A 224 30.83 17.70 -9.60
C LEU A 224 29.94 18.49 -10.54
N SER A 225 29.25 19.50 -10.02
CA SER A 225 28.36 20.34 -10.80
C SER A 225 28.86 21.78 -10.78
N PRO A 226 29.34 22.31 -11.90
CA PRO A 226 30.00 23.64 -11.91
C PRO A 226 29.15 24.77 -11.36
N PRO A 227 27.85 24.86 -11.70
CA PRO A 227 27.03 25.93 -11.08
C PRO A 227 26.99 25.89 -9.56
N SER A 228 27.16 24.72 -8.94
CA SER A 228 27.19 24.67 -7.47
C SER A 228 28.56 24.95 -6.91
N ARG A 229 29.60 24.65 -7.68
CA ARG A 229 30.94 24.58 -7.15
C ARG A 229 31.45 25.93 -6.67
N GLY A 230 30.89 27.04 -7.17
CA GLY A 230 31.26 28.35 -6.67
C GLY A 230 30.56 28.81 -5.41
N LEU A 231 29.74 27.96 -4.79
CA LEU A 231 28.95 28.37 -3.63
C LEU A 231 29.46 27.78 -2.33
N PHE A 232 30.63 27.15 -2.33
CA PHE A 232 31.24 26.64 -1.11
C PHE A 232 32.71 26.38 -1.42
N HIS A 233 33.47 26.09 -0.36
CA HIS A 233 34.91 25.98 -0.49
C HIS A 233 35.49 24.67 0.01
N ARG A 234 34.78 23.94 0.87
CA ARG A 234 35.29 22.73 1.49
C ARG A 234 34.11 21.80 1.67
N ALA A 235 34.40 20.51 1.83
CA ALA A 235 33.34 19.50 1.81
C ALA A 235 33.65 18.40 2.80
N VAL A 236 32.60 17.93 3.49
CA VAL A 236 32.68 16.79 4.40
C VAL A 236 31.64 15.78 3.95
N LEU A 237 32.09 14.54 3.67
CA LEU A 237 31.23 13.46 3.21
C LEU A 237 31.25 12.35 4.25
N GLN A 238 30.16 12.21 4.99
CA GLN A 238 30.03 11.20 6.04
C GLN A 238 29.18 10.04 5.53
N SER A 239 29.82 8.88 5.34
CA SER A 239 29.11 7.62 5.04
C SER A 239 28.29 7.71 3.76
N GLY A 240 28.83 8.34 2.74
CA GLY A 240 28.09 8.53 1.50
C GLY A 240 28.98 9.12 0.43
N ALA A 241 28.54 8.98 -0.81
CA ALA A 241 29.34 9.38 -1.95
C ALA A 241 28.45 9.44 -3.17
N PRO A 242 28.70 10.36 -4.10
CA PRO A 242 27.81 10.47 -5.25
C PRO A 242 27.92 9.29 -6.20
N ASN A 243 29.02 8.54 -6.15
CA ASN A 243 29.23 7.35 -6.99
C ASN A 243 28.69 6.08 -6.36
N GLY A 244 27.97 6.16 -5.23
CA GLY A 244 27.27 5.00 -4.70
C GLY A 244 26.27 4.39 -5.68
N PRO A 245 26.24 3.02 -5.81
CA PRO A 245 25.25 2.36 -6.70
C PRO A 245 23.78 2.73 -6.45
N TRP A 246 23.48 3.41 -5.34
CA TRP A 246 22.13 3.79 -4.98
C TRP A 246 21.84 5.27 -5.20
N ALA A 247 22.86 6.08 -5.44
CA ALA A 247 22.70 7.53 -5.37
C ALA A 247 22.26 8.15 -6.69
N THR A 248 22.45 7.47 -7.81
CA THR A 248 21.97 7.99 -9.08
C THR A 248 21.21 6.90 -9.82
N VAL A 249 20.45 7.32 -10.83
CA VAL A 249 19.72 6.41 -11.70
C VAL A 249 19.88 6.99 -13.11
N GLY A 250 19.86 6.10 -14.14
CA GLY A 250 19.94 6.57 -15.51
C GLY A 250 18.59 7.05 -16.02
N MET A 251 18.62 7.71 -17.17
CA MET A 251 17.38 8.26 -17.72
C MET A 251 16.33 7.19 -17.98
N GLY A 252 16.72 6.10 -18.64
CA GLY A 252 15.77 5.04 -18.95
C GLY A 252 15.04 4.53 -17.72
N GLU A 253 15.80 4.20 -16.66
CA GLU A 253 15.18 3.66 -15.46
C GLU A 253 14.40 4.73 -14.69
N ALA A 254 14.83 6.00 -14.77
CA ALA A 254 14.06 7.04 -14.11
C ALA A 254 12.71 7.21 -14.78
N ARG A 255 12.69 7.22 -16.12
CA ARG A 255 11.45 7.28 -16.87
C ARG A 255 10.56 6.07 -16.57
N ARG A 256 11.15 4.88 -16.52
CA ARG A 256 10.35 3.71 -16.19
C ARG A 256 9.73 3.83 -14.81
N ARG A 257 10.50 4.34 -13.84
CA ARG A 257 9.98 4.43 -12.48
C ARG A 257 8.86 5.47 -12.39
N ALA A 258 9.03 6.64 -13.00
CA ALA A 258 7.97 7.65 -12.99
C ALA A 258 6.72 7.14 -13.68
N THR A 259 6.89 6.41 -14.78
CA THR A 259 5.76 5.88 -15.54
C THR A 259 4.99 4.84 -14.74
N GLN A 260 5.67 3.99 -13.99
CA GLN A 260 4.95 3.01 -13.19
C GLN A 260 4.27 3.66 -12.00
N LEU A 261 4.85 4.72 -11.43
CA LEU A 261 4.15 5.43 -10.35
C LEU A 261 2.83 5.99 -10.86
N ALA A 262 2.87 6.68 -12.00
CA ALA A 262 1.64 7.18 -12.61
C ALA A 262 0.58 6.09 -12.73
N HIS A 263 0.98 4.92 -13.26
CA HIS A 263 0.03 3.83 -13.40
C HIS A 263 -0.53 3.39 -12.05
N LEU A 264 0.34 3.22 -11.06
CA LEU A 264 -0.09 2.76 -9.74
C LEU A 264 -1.05 3.72 -9.04
N VAL A 265 -1.06 5.01 -9.41
CA VAL A 265 -1.99 5.97 -8.80
C VAL A 265 -3.13 6.34 -9.74
N GLY A 266 -3.34 5.59 -10.82
CA GLY A 266 -4.50 5.80 -11.66
C GLY A 266 -4.34 6.82 -12.77
N CYS A 267 -3.13 7.05 -13.24
CA CYS A 267 -2.91 8.07 -14.25
C CYS A 267 -2.50 7.45 -15.58
N PRO A 268 -2.86 8.08 -16.70
CA PRO A 268 -2.44 7.65 -18.03
C PRO A 268 -0.92 7.61 -18.19
N ASN A 275 2.13 10.58 -23.26
CA ASN A 275 2.44 12.00 -23.35
C ASN A 275 2.96 12.49 -22.00
N ASP A 276 4.19 13.03 -21.99
CA ASP A 276 4.78 13.49 -20.75
C ASP A 276 3.96 14.61 -20.12
N THR A 277 3.48 15.55 -20.95
CA THR A 277 2.66 16.64 -20.41
C THR A 277 1.42 16.09 -19.72
N GLU A 278 0.72 15.17 -20.40
CA GLU A 278 -0.51 14.64 -19.84
C GLU A 278 -0.25 13.81 -18.59
N LEU A 279 0.89 13.13 -18.53
CA LEU A 279 1.20 12.28 -17.38
C LEU A 279 1.45 13.11 -16.12
N VAL A 280 2.27 14.14 -16.22
CA VAL A 280 2.63 14.94 -15.00
C VAL A 280 1.41 15.70 -14.51
N ALA A 281 0.54 16.11 -15.42
CA ALA A 281 -0.66 16.88 -15.03
C ALA A 281 -1.54 16.05 -14.10
N CYS A 282 -1.73 14.77 -14.42
CA CYS A 282 -2.55 13.86 -13.58
C CYS A 282 -1.86 13.63 -12.24
N LEU A 283 -0.53 13.50 -12.25
CA LEU A 283 0.22 13.33 -10.99
C LEU A 283 0.09 14.58 -10.13
N ARG A 284 -0.01 15.76 -10.75
CA ARG A 284 -0.09 17.03 -9.99
C ARG A 284 -1.46 17.16 -9.33
N THR A 285 -2.46 16.43 -9.83
CA THR A 285 -3.83 16.46 -9.24
C THR A 285 -3.91 15.50 -8.05
N ARG A 286 -2.90 14.67 -7.86
CA ARG A 286 -2.98 13.64 -6.80
C ARG A 286 -2.55 14.19 -5.42
N PRO A 287 -3.24 13.91 -4.29
CA PRO A 287 -2.72 14.27 -2.96
C PRO A 287 -1.29 13.77 -2.80
N ALA A 288 -0.49 14.54 -2.07
CA ALA A 288 0.90 14.16 -1.88
C ALA A 288 1.01 12.80 -1.24
N GLN A 289 0.17 12.52 -0.25
CA GLN A 289 0.25 11.26 0.47
C GLN A 289 0.00 10.06 -0.44
N VAL A 290 -0.76 10.26 -1.52
CA VAL A 290 -0.98 9.19 -2.49
C VAL A 290 0.31 8.82 -3.20
N LEU A 291 1.09 9.83 -3.61
CA LEU A 291 2.37 9.52 -4.25
C LEU A 291 3.26 8.74 -3.30
N VAL A 292 3.35 9.19 -2.05
CA VAL A 292 4.16 8.52 -1.04
C VAL A 292 3.77 7.06 -0.86
N ASN A 293 2.47 6.75 -0.98
CA ASN A 293 2.00 5.41 -0.62
C ASN A 293 2.51 4.34 -1.60
N HIS A 294 2.79 4.71 -2.85
CA HIS A 294 3.20 3.77 -3.88
C HIS A 294 4.69 3.84 -4.20
N GLU A 295 5.46 4.59 -3.41
CA GLU A 295 6.83 4.92 -3.75
C GLU A 295 7.71 3.67 -3.85
N TRP A 296 7.60 2.78 -2.86
CA TRP A 296 8.48 1.61 -2.83
C TRP A 296 8.15 0.59 -3.90
N HIS A 297 6.97 0.68 -4.49
CA HIS A 297 6.53 -0.33 -5.43
C HIS A 297 7.13 -0.17 -6.82
N VAL A 298 7.84 0.93 -7.08
CA VAL A 298 8.39 1.10 -8.42
C VAL A 298 9.82 0.56 -8.50
N LEU A 299 10.35 0.13 -7.37
CA LEU A 299 11.72 -0.46 -7.35
C LEU A 299 11.70 -1.75 -8.19
N PRO A 300 12.72 -1.98 -9.03
CA PRO A 300 12.71 -3.15 -9.92
C PRO A 300 12.94 -4.54 -9.31
N GLN A 301 13.56 -4.63 -8.14
CA GLN A 301 13.89 -5.95 -7.54
C GLN A 301 13.77 -5.86 -6.03
N GLU A 302 13.68 -7.02 -5.35
CA GLU A 302 13.67 -7.06 -3.87
C GLU A 302 15.04 -6.55 -3.42
N SER A 303 15.05 -5.57 -2.53
CA SER A 303 16.35 -4.94 -2.23
C SER A 303 16.43 -4.28 -0.87
N VAL A 304 17.64 -3.97 -0.44
CA VAL A 304 17.87 -3.13 0.76
C VAL A 304 18.79 -2.05 0.22
N PHE A 305 18.83 -0.86 0.82
CA PHE A 305 19.73 0.26 0.40
C PHE A 305 19.49 0.66 -1.05
N ARG A 306 18.24 0.61 -1.49
CA ARG A 306 17.87 1.06 -2.86
C ARG A 306 16.67 1.97 -2.70
N PHE A 307 16.64 3.08 -3.42
CA PHE A 307 15.58 4.09 -3.23
C PHE A 307 14.97 4.44 -4.58
N SER A 308 13.67 4.71 -4.63
CA SER A 308 12.95 4.88 -5.91
C SER A 308 13.25 6.18 -6.68
N PHE A 309 13.27 7.31 -6.02
CA PHE A 309 13.43 8.61 -6.72
C PHE A 309 14.71 9.28 -6.22
N VAL A 310 15.76 9.24 -7.03
CA VAL A 310 17.09 9.70 -6.64
C VAL A 310 17.62 10.57 -7.80
N PRO A 311 18.72 11.29 -7.63
CA PRO A 311 19.27 12.08 -8.75
C PRO A 311 19.41 11.27 -10.04
N VAL A 312 19.14 11.92 -11.16
CA VAL A 312 19.24 11.28 -12.49
C VAL A 312 20.42 11.88 -13.26
N VAL A 313 21.13 11.06 -14.03
CA VAL A 313 22.23 11.58 -14.89
C VAL A 313 21.57 11.95 -16.21
N ASP A 314 21.40 13.24 -16.46
CA ASP A 314 20.63 13.72 -17.65
C ASP A 314 21.46 14.65 -18.53
N GLY A 315 22.71 14.91 -18.16
CA GLY A 315 23.52 15.87 -18.91
C GLY A 315 23.40 17.29 -18.38
N ASP A 316 22.57 17.52 -17.36
CA ASP A 316 22.36 18.90 -16.87
C ASP A 316 23.09 19.11 -15.54
N PHE A 317 22.48 18.72 -14.42
CA PHE A 317 23.14 18.86 -13.10
C PHE A 317 24.39 17.99 -13.14
N LEU A 318 24.26 16.78 -13.66
CA LEU A 318 25.46 15.91 -13.83
C LEU A 318 25.66 15.70 -15.34
N SER A 319 26.76 16.22 -15.90
CA SER A 319 27.07 16.10 -17.34
C SER A 319 27.29 14.65 -17.71
N ASP A 320 27.93 13.91 -16.81
CA ASP A 320 28.15 12.47 -17.00
C ASP A 320 27.89 11.78 -15.67
N THR A 321 28.08 10.46 -15.62
CA THR A 321 27.94 9.74 -14.36
C THR A 321 28.95 10.29 -13.36
N PRO A 322 28.64 10.17 -12.06
CA PRO A 322 29.59 10.70 -11.07
C PRO A 322 30.92 9.97 -11.09
N GLU A 323 30.92 8.66 -11.29
N GLU A 323 30.92 8.66 -11.29
CA GLU A 323 32.19 7.92 -11.40
CA GLU A 323 32.19 7.92 -11.40
C GLU A 323 33.05 8.51 -12.53
C GLU A 323 33.05 8.50 -12.52
N ALA A 324 32.43 8.88 -13.64
CA ALA A 324 33.19 9.45 -14.75
C ALA A 324 33.68 10.87 -14.45
N LEU A 325 32.81 11.71 -13.88
CA LEU A 325 33.24 13.08 -13.55
C LEU A 325 34.33 13.08 -12.48
N ILE A 326 34.36 12.05 -11.63
CA ILE A 326 35.41 11.92 -10.63
C ILE A 326 36.74 11.55 -11.27
N ASN A 327 36.74 10.59 -12.19
CA ASN A 327 37.99 10.15 -12.81
C ASN A 327 38.62 11.22 -13.70
N ALA A 328 37.87 12.24 -14.09
CA ALA A 328 38.34 13.23 -15.05
C ALA A 328 38.46 14.62 -14.45
N GLY A 329 38.47 14.74 -13.14
CA GLY A 329 38.45 16.03 -12.48
C GLY A 329 39.82 16.51 -12.04
N ASP A 330 39.99 17.84 -12.07
CA ASP A 330 41.14 18.52 -11.48
C ASP A 330 40.69 19.07 -10.12
N PHE A 331 41.16 18.44 -9.04
CA PHE A 331 40.69 18.80 -7.71
C PHE A 331 41.74 19.53 -6.88
N HIS A 332 42.76 20.11 -7.54
CA HIS A 332 43.66 21.01 -6.83
C HIS A 332 42.84 22.17 -6.28
N GLY A 333 43.09 22.52 -5.02
CA GLY A 333 42.37 23.58 -4.36
C GLY A 333 41.29 23.10 -3.44
N LEU A 334 41.04 21.80 -3.40
CA LEU A 334 39.95 21.21 -2.66
C LEU A 334 40.49 20.49 -1.44
N GLN A 335 39.91 20.79 -0.28
CA GLN A 335 40.09 19.99 0.92
C GLN A 335 38.80 19.24 1.19
N VAL A 336 38.91 17.97 1.53
CA VAL A 336 37.74 17.13 1.75
C VAL A 336 38.00 16.28 3.00
N LEU A 337 36.98 16.18 3.85
CA LEU A 337 36.97 15.26 4.98
C LEU A 337 35.95 14.18 4.67
N VAL A 338 36.39 12.91 4.66
CA VAL A 338 35.49 11.80 4.36
C VAL A 338 35.71 10.68 5.37
N GLY A 339 34.68 9.86 5.55
CA GLY A 339 34.79 8.76 6.50
C GLY A 339 33.54 7.90 6.51
N VAL A 340 33.61 6.88 7.36
CA VAL A 340 32.56 5.85 7.45
C VAL A 340 32.44 5.44 8.89
N VAL A 341 31.30 4.82 9.21
CA VAL A 341 31.20 4.14 10.50
C VAL A 341 31.73 2.70 10.41
N LYS A 342 31.95 2.04 11.56
CA LYS A 342 32.60 0.73 11.54
C LYS A 342 31.74 -0.36 10.96
N ASP A 343 30.40 -0.28 11.04
CA ASP A 343 29.52 -1.34 10.52
C ASP A 343 28.47 -0.75 9.58
N GLU A 344 28.87 -0.38 8.37
CA GLU A 344 27.96 0.36 7.45
C GLU A 344 26.70 -0.39 7.00
N GLY A 345 26.69 -1.72 6.95
CA GLY A 345 25.52 -2.42 6.38
C GLY A 345 24.54 -3.03 7.36
N SER A 346 24.93 -3.23 8.60
CA SER A 346 24.08 -3.86 9.64
C SER A 346 22.63 -3.35 9.68
N TYR A 347 22.41 -2.04 9.74
CA TYR A 347 21.06 -1.43 9.85
C TYR A 347 20.17 -1.84 8.67
N PHE A 348 20.73 -1.88 7.47
CA PHE A 348 19.93 -2.16 6.25
C PHE A 348 19.37 -3.59 6.25
N LEU A 349 20.05 -4.54 6.88
CA LEU A 349 19.65 -5.97 6.83
C LEU A 349 18.27 -6.23 7.45
N VAL A 350 17.87 -5.45 8.45
CA VAL A 350 16.54 -5.64 9.14
C VAL A 350 15.39 -5.18 8.24
N TYR A 351 15.68 -4.58 7.09
CA TYR A 351 14.64 -4.06 6.17
C TYR A 351 14.35 -5.00 5.00
N GLY A 352 14.85 -6.23 5.01
CA GLY A 352 14.45 -7.18 3.95
C GLY A 352 15.41 -8.32 3.66
N ALA A 353 16.48 -8.46 4.43
CA ALA A 353 17.36 -9.63 4.25
C ALA A 353 16.76 -10.80 5.02
N PRO A 354 16.68 -12.01 4.41
CA PRO A 354 16.14 -13.16 5.12
C PRO A 354 16.85 -13.55 6.42
N GLY A 355 16.06 -13.80 7.48
CA GLY A 355 16.60 -14.24 8.78
C GLY A 355 17.03 -13.12 9.70
N PHE A 356 16.78 -11.87 9.35
CA PHE A 356 17.33 -10.77 10.17
C PHE A 356 16.27 -10.06 11.01
N SER A 357 16.57 -9.83 12.27
CA SER A 357 15.67 -9.05 13.15
C SER A 357 16.53 -8.31 14.17
N LYS A 358 16.06 -7.17 14.64
CA LYS A 358 16.77 -6.51 15.73
C LYS A 358 16.57 -7.24 17.05
N ASP A 359 15.58 -8.13 17.14
CA ASP A 359 15.14 -8.71 18.39
C ASP A 359 15.69 -10.12 18.65
N ASN A 360 16.44 -10.68 17.72
CA ASN A 360 17.19 -11.90 18.04
C ASN A 360 18.61 -11.70 17.52
N GLU A 361 19.42 -12.75 17.48
CA GLU A 361 20.81 -12.59 17.13
C GLU A 361 21.05 -12.62 15.62
N SER A 362 20.01 -12.82 14.83
CA SER A 362 20.11 -12.87 13.38
C SER A 362 21.22 -13.83 12.93
N LEU A 363 21.23 -15.02 13.53
CA LEU A 363 22.22 -16.04 13.18
C LEU A 363 21.69 -16.81 11.98
N ILE A 364 21.95 -16.25 10.80
CA ILE A 364 21.37 -16.77 9.55
C ILE A 364 22.09 -18.05 9.11
N SER A 365 21.42 -18.79 8.24
CA SER A 365 21.90 -20.01 7.62
C SER A 365 22.52 -19.71 6.26
N ARG A 366 23.25 -20.69 5.73
CA ARG A 366 23.92 -20.48 4.46
C ARG A 366 22.93 -20.14 3.35
N ALA A 367 21.77 -20.80 3.32
CA ALA A 367 20.78 -20.47 2.30
C ALA A 367 20.23 -19.06 2.49
N GLU A 368 20.00 -18.65 3.75
CA GLU A 368 19.67 -17.25 4.02
C GLU A 368 20.78 -16.31 3.58
N PHE A 369 22.04 -16.68 3.84
CA PHE A 369 23.14 -15.83 3.39
C PHE A 369 23.13 -15.67 1.88
N LEU A 370 22.91 -16.75 1.14
CA LEU A 370 22.99 -16.65 -0.34
C LEU A 370 21.82 -15.81 -0.86
N ALA A 371 20.67 -15.91 -0.23
CA ALA A 371 19.48 -15.13 -0.64
C ALA A 371 19.66 -13.65 -0.29
N GLY A 372 20.31 -13.35 0.82
CA GLY A 372 20.58 -11.96 1.20
C GLY A 372 21.57 -11.29 0.28
N VAL A 373 22.46 -12.04 -0.34
CA VAL A 373 23.43 -11.47 -1.31
C VAL A 373 22.65 -10.91 -2.50
N ARG A 374 21.56 -11.55 -2.89
CA ARG A 374 20.79 -11.08 -4.06
C ARG A 374 19.95 -9.86 -3.68
N VAL A 375 19.56 -9.75 -2.41
CA VAL A 375 18.80 -8.58 -1.92
C VAL A 375 19.77 -7.42 -1.69
N GLY A 376 20.99 -7.71 -1.20
CA GLY A 376 22.00 -6.67 -0.90
C GLY A 376 22.80 -6.24 -2.11
N VAL A 377 22.94 -7.11 -3.12
CA VAL A 377 23.60 -6.72 -4.40
C VAL A 377 22.51 -6.87 -5.48
N PRO A 378 21.41 -6.07 -5.52
CA PRO A 378 20.36 -6.32 -6.51
C PRO A 378 20.79 -5.86 -7.90
N GLN A 379 20.10 -6.42 -8.90
CA GLN A 379 20.29 -6.02 -10.30
C GLN A 379 21.71 -6.29 -10.81
N VAL A 380 22.40 -7.32 -10.30
CA VAL A 380 23.62 -7.79 -10.93
C VAL A 380 23.37 -9.19 -11.49
N SER A 381 24.21 -9.59 -12.44
CA SER A 381 24.09 -10.93 -13.01
C SER A 381 24.39 -12.00 -11.96
N ASP A 382 23.91 -13.23 -12.22
CA ASP A 382 24.21 -14.35 -11.34
C ASP A 382 25.69 -14.63 -11.25
N LEU A 383 26.43 -14.41 -12.34
CA LEU A 383 27.87 -14.59 -12.27
C LEU A 383 28.49 -13.59 -11.29
N ALA A 384 28.04 -12.33 -11.34
CA ALA A 384 28.51 -11.33 -10.38
C ALA A 384 28.15 -11.69 -8.95
N ALA A 385 26.96 -12.27 -8.74
CA ALA A 385 26.59 -12.69 -7.38
C ALA A 385 27.48 -13.83 -6.87
N GLU A 386 27.80 -14.79 -7.74
CA GLU A 386 28.77 -15.82 -7.38
C GLU A 386 30.08 -15.20 -6.93
N ALA A 387 30.59 -14.26 -7.71
CA ALA A 387 31.82 -13.56 -7.33
C ALA A 387 31.71 -12.98 -5.93
N VAL A 388 30.56 -12.37 -5.58
CA VAL A 388 30.38 -11.79 -4.23
C VAL A 388 30.47 -12.89 -3.17
N VAL A 389 29.81 -14.02 -3.43
CA VAL A 389 29.76 -15.13 -2.50
C VAL A 389 31.14 -15.75 -2.32
N LEU A 390 31.88 -15.93 -3.44
CA LEU A 390 33.31 -16.25 -3.38
C LEU A 390 34.06 -15.39 -2.38
N HIS A 391 34.03 -14.06 -2.57
N HIS A 391 34.03 -14.08 -2.55
CA HIS A 391 34.88 -13.17 -1.79
CA HIS A 391 34.90 -13.22 -1.77
C HIS A 391 34.47 -13.10 -0.33
C HIS A 391 34.45 -13.07 -0.32
N TYR A 392 33.18 -13.30 -0.02
CA TYR A 392 32.71 -13.09 1.35
C TYR A 392 32.45 -14.37 2.12
N THR A 393 32.60 -15.54 1.50
CA THR A 393 32.57 -16.78 2.25
C THR A 393 33.93 -17.06 2.84
N ASP A 394 33.94 -17.50 4.11
CA ASP A 394 35.11 -18.15 4.70
C ASP A 394 35.00 -19.64 4.40
N TRP A 395 35.83 -20.14 3.48
CA TRP A 395 35.71 -21.51 3.02
C TRP A 395 36.25 -22.51 4.02
N LEU A 396 36.93 -22.05 5.07
CA LEU A 396 37.19 -22.90 6.22
C LEU A 396 35.99 -23.06 7.14
N HIS A 397 34.96 -22.20 6.99
CA HIS A 397 33.78 -22.14 7.85
C HIS A 397 32.54 -21.69 7.08
N PRO A 398 32.20 -22.35 5.98
CA PRO A 398 31.17 -21.78 5.09
C PRO A 398 29.79 -21.73 5.69
N GLU A 399 29.53 -22.46 6.77
CA GLU A 399 28.19 -22.58 7.34
C GLU A 399 28.01 -21.80 8.63
N ASP A 400 29.07 -21.18 9.15
CA ASP A 400 29.03 -20.64 10.50
C ASP A 400 28.11 -19.41 10.56
N PRO A 401 27.02 -19.47 11.34
CA PRO A 401 26.02 -18.39 11.26
C PRO A 401 26.56 -17.01 11.66
N ALA A 402 27.33 -16.93 12.75
CA ALA A 402 27.88 -15.63 13.14
C ALA A 402 28.77 -15.04 12.05
N ARG A 403 29.57 -15.87 11.37
CA ARG A 403 30.42 -15.37 10.29
C ARG A 403 29.60 -14.92 9.08
N LEU A 404 28.53 -15.67 8.76
CA LEU A 404 27.64 -15.28 7.68
C LEU A 404 26.89 -13.98 8.00
N ARG A 405 26.49 -13.80 9.26
CA ARG A 405 25.85 -12.53 9.63
C ARG A 405 26.77 -11.37 9.34
N GLU A 406 28.01 -11.41 9.88
CA GLU A 406 28.94 -10.32 9.64
C GLU A 406 29.30 -10.22 8.16
N ALA A 407 29.42 -11.35 7.46
CA ALA A 407 29.82 -11.28 6.05
C ALA A 407 28.79 -10.51 5.25
N LEU A 408 27.51 -10.82 5.45
CA LEU A 408 26.49 -10.13 4.66
C LEU A 408 26.41 -8.65 5.03
N SER A 409 26.65 -8.33 6.29
CA SER A 409 26.75 -6.94 6.69
C SER A 409 27.91 -6.24 5.96
N ASP A 410 29.06 -6.93 5.83
CA ASP A 410 30.16 -6.37 5.05
C ASP A 410 29.81 -6.26 3.58
N VAL A 411 29.01 -7.18 3.04
CA VAL A 411 28.65 -7.07 1.63
C VAL A 411 27.85 -5.78 1.40
N VAL A 412 26.79 -5.59 2.17
CA VAL A 412 25.94 -4.41 1.99
C VAL A 412 26.71 -3.12 2.32
N GLY A 413 27.51 -3.13 3.37
CA GLY A 413 28.26 -1.93 3.73
C GLY A 413 29.37 -1.60 2.76
N ASP A 414 30.05 -2.63 2.21
CA ASP A 414 31.17 -2.36 1.30
C ASP A 414 30.64 -1.94 -0.05
N HIS A 415 29.60 -2.60 -0.53
CA HIS A 415 29.04 -2.29 -1.85
C HIS A 415 28.50 -0.87 -1.89
N ASN A 416 27.78 -0.46 -0.85
CA ASN A 416 27.01 0.78 -0.88
C ASN A 416 27.74 1.99 -0.30
N VAL A 417 28.61 1.81 0.70
CA VAL A 417 29.24 2.96 1.32
C VAL A 417 30.76 2.94 1.30
N VAL A 418 31.37 1.91 1.92
CA VAL A 418 32.82 1.96 2.16
C VAL A 418 33.60 2.02 0.85
N CYS A 419 33.21 1.23 -0.12
CA CYS A 419 34.02 1.19 -1.32
C CYS A 419 33.70 2.36 -2.25
N PRO A 420 32.43 2.79 -2.40
CA PRO A 420 32.22 4.06 -3.09
C PRO A 420 33.02 5.18 -2.46
N VAL A 421 33.11 5.22 -1.13
CA VAL A 421 33.81 6.31 -0.47
C VAL A 421 35.32 6.16 -0.68
N ALA A 422 35.84 4.95 -0.62
CA ALA A 422 37.28 4.75 -0.83
C ALA A 422 37.68 5.12 -2.25
N GLN A 423 36.83 4.83 -3.23
CA GLN A 423 37.13 5.23 -4.60
C GLN A 423 37.20 6.73 -4.72
N LEU A 424 36.21 7.44 -4.18
CA LEU A 424 36.18 8.89 -4.27
C LEU A 424 37.42 9.49 -3.61
N ALA A 425 37.78 8.99 -2.43
CA ALA A 425 38.94 9.51 -1.71
C ALA A 425 40.22 9.32 -2.52
N GLY A 426 40.42 8.12 -3.09
CA GLY A 426 41.63 7.86 -3.85
C GLY A 426 41.73 8.72 -5.10
N ARG A 427 40.63 8.86 -5.84
CA ARG A 427 40.65 9.69 -7.04
C ARG A 427 40.88 11.15 -6.69
N LEU A 428 40.14 11.68 -5.71
CA LEU A 428 40.34 13.09 -5.34
C LEU A 428 41.77 13.33 -4.87
N ALA A 429 42.31 12.43 -4.04
CA ALA A 429 43.67 12.60 -3.55
C ALA A 429 44.69 12.60 -4.68
N ALA A 430 44.60 11.61 -5.58
CA ALA A 430 45.52 11.50 -6.70
C ALA A 430 45.30 12.56 -7.77
N GLN A 431 44.28 13.42 -7.66
CA GLN A 431 44.05 14.45 -8.66
C GLN A 431 44.02 15.83 -8.03
N GLY A 432 44.72 15.98 -6.91
CA GLY A 432 45.07 17.29 -6.40
C GLY A 432 44.32 17.71 -5.16
N ALA A 433 43.40 16.90 -4.67
CA ALA A 433 42.69 17.26 -3.46
C ALA A 433 43.52 16.88 -2.25
N ARG A 434 43.32 17.60 -1.15
CA ARG A 434 43.87 17.19 0.14
C ARG A 434 42.74 16.51 0.91
N VAL A 435 42.88 15.21 1.12
CA VAL A 435 41.81 14.37 1.67
C VAL A 435 42.19 13.94 3.08
N TYR A 436 41.24 14.02 4.01
CA TYR A 436 41.37 13.43 5.33
C TYR A 436 40.29 12.35 5.50
N ALA A 437 40.67 11.18 5.99
CA ALA A 437 39.78 10.03 6.09
C ALA A 437 39.75 9.46 7.51
N TYR A 438 38.57 8.99 7.93
CA TYR A 438 38.40 8.43 9.26
C TYR A 438 37.53 7.17 9.18
N VAL A 439 37.65 6.32 10.20
CA VAL A 439 36.63 5.33 10.51
C VAL A 439 36.13 5.59 11.92
N PHE A 440 34.82 5.75 12.06
CA PHE A 440 34.20 6.05 13.35
C PHE A 440 33.86 4.75 14.06
N GLU A 441 34.56 4.47 15.16
CA GLU A 441 34.50 3.14 15.77
C GLU A 441 33.87 3.13 17.16
N HIS A 442 33.21 4.20 17.59
CA HIS A 442 32.62 4.24 18.91
C HIS A 442 31.14 3.90 18.85
N ARG A 443 30.71 2.92 19.64
CA ARG A 443 29.30 2.59 19.78
C ARG A 443 28.72 3.39 20.94
N ALA A 444 27.74 4.24 20.64
CA ALA A 444 27.14 5.10 21.65
C ALA A 444 26.54 4.26 22.76
N SER A 445 26.82 4.64 24.01
CA SER A 445 26.25 3.94 25.16
C SER A 445 24.73 4.02 25.20
N THR A 446 24.13 5.02 24.58
CA THR A 446 22.68 5.12 24.58
C THR A 446 22.04 4.38 23.42
N LEU A 447 22.82 3.66 22.62
CA LEU A 447 22.29 3.08 21.39
C LEU A 447 21.27 2.00 21.73
N SER A 448 20.13 2.05 21.08
CA SER A 448 19.04 1.12 21.32
C SER A 448 19.03 -0.10 20.38
N TRP A 449 19.80 -0.08 19.28
CA TRP A 449 19.87 -1.24 18.40
C TRP A 449 20.71 -2.35 19.04
N PRO A 450 20.49 -3.60 18.64
CA PRO A 450 21.21 -4.71 19.29
C PRO A 450 22.71 -4.58 19.14
N LEU A 451 23.42 -5.26 20.05
CA LEU A 451 24.87 -5.23 20.07
C LEU A 451 25.48 -5.83 18.80
N TRP A 452 24.76 -6.71 18.11
CA TRP A 452 25.37 -7.31 16.94
C TRP A 452 25.46 -6.35 15.77
N MET A 453 24.76 -5.21 15.78
CA MET A 453 24.96 -4.30 14.67
C MET A 453 26.16 -3.37 14.84
N GLY A 454 26.79 -3.37 16.01
CA GLY A 454 28.05 -2.65 16.15
C GLY A 454 27.82 -1.15 16.16
N VAL A 455 28.57 -0.44 15.32
CA VAL A 455 28.34 0.98 15.09
C VAL A 455 27.57 1.15 13.78
N PRO A 456 26.24 1.28 13.81
CA PRO A 456 25.47 1.29 12.57
C PRO A 456 25.53 2.65 11.87
N HIS A 457 25.19 2.60 10.59
CA HIS A 457 24.98 3.76 9.73
C HIS A 457 24.20 4.87 10.45
N GLY A 458 24.80 6.07 10.50
CA GLY A 458 24.16 7.25 11.01
C GLY A 458 24.50 7.61 12.44
N TYR A 459 25.07 6.69 13.22
CA TYR A 459 25.20 6.92 14.64
C TYR A 459 26.48 7.65 15.03
N GLU A 460 27.14 8.30 14.08
CA GLU A 460 28.19 9.25 14.39
C GLU A 460 27.69 10.69 14.40
N ILE A 461 26.56 10.96 13.72
CA ILE A 461 26.05 12.32 13.60
C ILE A 461 25.90 12.98 14.97
N GLU A 462 25.22 12.30 15.91
CA GLU A 462 24.94 12.91 17.21
C GLU A 462 26.22 13.36 17.91
N PHE A 463 27.34 12.69 17.66
CA PHE A 463 28.60 13.14 18.23
C PHE A 463 29.16 14.35 17.48
N ILE A 464 28.95 14.42 16.16
CA ILE A 464 29.46 15.56 15.40
C ILE A 464 28.75 16.84 15.86
N PHE A 465 27.45 16.75 16.14
CA PHE A 465 26.65 17.89 16.59
C PHE A 465 26.70 18.10 18.10
N GLY A 466 27.48 17.29 18.83
CA GLY A 466 27.64 17.52 20.25
C GLY A 466 26.41 17.24 21.08
N ILE A 467 25.51 16.40 20.60
CA ILE A 467 24.34 16.01 21.41
C ILE A 467 24.73 15.48 22.78
N PRO A 468 25.82 14.73 22.95
CA PRO A 468 26.18 14.26 24.30
C PRO A 468 26.34 15.38 25.32
N LEU A 469 26.51 16.64 24.90
CA LEU A 469 26.59 17.76 25.83
C LEU A 469 25.23 18.12 26.43
N ASP A 470 24.13 17.79 25.76
CA ASP A 470 22.79 18.00 26.32
C ASP A 470 22.62 17.17 27.58
N PRO A 471 22.31 17.79 28.74
CA PRO A 471 22.29 17.04 30.01
C PRO A 471 21.09 16.11 30.18
N SER A 472 19.94 16.47 29.61
CA SER A 472 18.77 15.60 29.64
C SER A 472 18.99 14.26 28.93
N ARG A 473 20.11 14.07 28.26
CA ARG A 473 20.43 12.77 27.67
C ARG A 473 21.51 12.08 28.51
N ASN A 474 21.60 10.77 28.35
CA ASN A 474 22.32 10.02 29.37
C ASN A 474 23.66 9.49 28.88
N TYR A 475 24.49 10.37 28.32
CA TYR A 475 25.79 9.98 27.81
C TYR A 475 26.84 10.09 28.91
N THR A 476 27.87 9.26 28.80
CA THR A 476 28.91 9.25 29.81
C THR A 476 29.77 10.51 29.73
N ALA A 477 30.57 10.72 30.78
CA ALA A 477 31.45 11.88 30.83
C ALA A 477 32.49 11.85 29.72
N GLU A 478 33.10 10.70 29.48
CA GLU A 478 34.13 10.70 28.44
C GLU A 478 33.53 10.52 27.03
N GLU A 479 32.23 10.27 26.92
CA GLU A 479 31.57 10.47 25.63
C GLU A 479 31.40 11.96 25.33
N LYS A 480 31.11 12.74 26.37
CA LYS A 480 31.04 14.19 26.20
C LYS A 480 32.38 14.76 25.75
N ILE A 481 33.47 14.28 26.33
CA ILE A 481 34.81 14.71 25.89
C ILE A 481 35.07 14.28 24.44
N PHE A 482 34.69 13.05 24.08
CA PHE A 482 34.79 12.58 22.70
C PHE A 482 34.06 13.53 21.77
N ALA A 483 32.82 13.88 22.12
CA ALA A 483 32.05 14.80 21.29
C ALA A 483 32.77 16.12 21.12
N GLN A 484 33.40 16.61 22.18
CA GLN A 484 34.08 17.90 22.06
C GLN A 484 35.28 17.78 21.15
N ARG A 485 35.97 16.65 21.18
CA ARG A 485 37.08 16.39 20.24
C ARG A 485 36.61 16.41 18.80
N LEU A 486 35.49 15.75 18.50
CA LEU A 486 35.04 15.68 17.11
C LEU A 486 34.55 17.03 16.63
N MET A 487 33.86 17.79 17.49
CA MET A 487 33.43 19.12 17.10
C MET A 487 34.64 19.98 16.78
N ARG A 488 35.73 19.83 17.54
CA ARG A 488 36.96 20.56 17.26
C ARG A 488 37.57 20.16 15.91
N TYR A 489 37.59 18.85 15.61
CA TYR A 489 38.12 18.41 14.32
C TYR A 489 37.32 19.01 13.16
N TRP A 490 35.99 18.85 13.20
CA TRP A 490 35.13 19.35 12.13
C TRP A 490 35.26 20.86 11.97
N ALA A 491 35.31 21.58 13.08
CA ALA A 491 35.38 23.04 13.00
C ALA A 491 36.77 23.51 12.58
N ASN A 492 37.83 22.85 13.06
CA ASN A 492 39.17 23.11 12.53
C ASN A 492 39.18 22.99 11.02
N PHE A 493 38.59 21.90 10.50
CA PHE A 493 38.57 21.69 9.07
C PHE A 493 37.77 22.78 8.37
N ALA A 494 36.62 23.14 8.93
CA ALA A 494 35.85 24.24 8.34
C ALA A 494 36.67 25.54 8.28
N ARG A 495 37.48 25.81 9.31
CA ARG A 495 38.21 27.08 9.37
C ARG A 495 39.42 27.09 8.44
N THR A 496 40.11 25.96 8.29
CA THR A 496 41.42 25.94 7.66
C THR A 496 41.66 24.82 6.65
N GLY A 497 40.72 23.89 6.47
CA GLY A 497 40.97 22.76 5.61
C GLY A 497 41.82 21.67 6.22
N ASP A 498 42.09 21.75 7.51
CA ASP A 498 42.92 20.77 8.19
C ASP A 498 42.29 20.50 9.55
N PRO A 499 41.95 19.26 9.89
CA PRO A 499 41.32 18.99 11.19
C PRO A 499 42.27 19.08 12.36
N ASN A 500 43.57 19.08 12.11
CA ASN A 500 44.56 19.01 13.18
C ASN A 500 44.67 20.32 13.94
N GLU A 501 44.86 20.23 15.25
CA GLU A 501 45.02 21.40 16.11
C GLU A 501 46.22 22.23 15.69
N PRO A 502 46.02 23.48 15.28
CA PRO A 502 47.08 24.23 14.57
C PRO A 502 48.41 24.30 15.31
N ARG A 503 48.38 24.39 16.65
CA ARG A 503 49.59 24.55 17.46
C ARG A 503 49.56 23.50 18.58
N ASP A 504 49.96 22.27 18.25
CA ASP A 504 49.98 21.17 19.21
C ASP A 504 50.73 19.94 18.69
N PRO A 508 48.99 14.19 18.54
CA PRO A 508 48.71 13.01 17.71
C PRO A 508 48.09 13.45 16.37
N GLN A 509 48.84 13.31 15.29
CA GLN A 509 48.51 13.99 14.04
C GLN A 509 47.67 13.11 13.13
N TRP A 510 46.71 13.76 12.46
CA TRP A 510 45.84 13.11 11.49
C TRP A 510 46.44 13.31 10.11
N PRO A 511 47.00 12.28 9.47
CA PRO A 511 47.66 12.45 8.17
C PRO A 511 46.65 12.59 7.06
N PRO A 512 47.00 13.24 5.97
CA PRO A 512 46.18 13.17 4.76
C PRO A 512 46.16 11.77 4.15
N TYR A 513 45.04 11.44 3.52
CA TYR A 513 44.85 10.19 2.82
C TYR A 513 45.39 10.32 1.39
N THR A 514 46.19 9.36 0.97
CA THR A 514 46.78 9.37 -0.36
C THR A 514 46.52 8.03 -1.03
N ALA A 515 46.50 8.05 -2.37
CA ALA A 515 46.24 6.82 -3.11
C ALA A 515 47.27 5.74 -2.77
N GLY A 516 48.51 6.14 -2.49
CA GLY A 516 49.52 5.18 -2.10
C GLY A 516 49.37 4.69 -0.67
N ALA A 517 49.64 5.56 0.31
CA ALA A 517 49.73 5.10 1.69
C ALA A 517 48.37 4.78 2.28
N GLN A 518 47.31 5.42 1.78
CA GLN A 518 45.92 5.13 2.16
C GLN A 518 45.71 5.25 3.67
N GLN A 519 46.29 6.29 4.27
CA GLN A 519 46.23 6.43 5.71
C GLN A 519 44.94 7.11 6.16
N TYR A 520 44.38 6.60 7.25
CA TYR A 520 43.19 7.16 7.87
C TYR A 520 43.32 6.96 9.37
N VAL A 521 42.43 7.60 10.13
CA VAL A 521 42.45 7.49 11.59
C VAL A 521 41.16 6.84 12.06
N SER A 522 41.24 6.19 13.22
CA SER A 522 40.05 5.71 13.89
C SER A 522 39.59 6.75 14.90
N LEU A 523 38.30 7.06 14.89
CA LEU A 523 37.70 8.00 15.83
C LEU A 523 36.99 7.18 16.90
N ASP A 524 37.52 7.21 18.13
CA ASP A 524 36.86 6.59 19.28
C ASP A 524 37.40 7.26 20.54
N LEU A 525 37.07 6.70 21.70
CA LEU A 525 37.49 7.32 22.95
C LEU A 525 39.01 7.30 23.15
N ARG A 526 39.71 6.46 22.43
CA ARG A 526 41.15 6.45 22.53
C ARG A 526 41.72 7.54 21.63
N PRO A 527 42.95 7.97 21.88
CA PRO A 527 43.58 8.95 20.98
C PRO A 527 43.63 8.44 19.55
N LEU A 528 43.83 9.37 18.61
CA LEU A 528 43.88 9.01 17.19
C LEU A 528 44.90 7.92 16.97
N GLU A 529 44.49 6.88 16.27
CA GLU A 529 45.39 5.85 15.80
C GLU A 529 45.36 5.85 14.28
N VAL A 530 46.52 5.94 13.66
CA VAL A 530 46.64 5.93 12.21
C VAL A 530 46.67 4.49 11.70
N ARG A 531 45.92 4.23 10.63
CA ARG A 531 45.85 2.93 9.97
C ARG A 531 45.99 3.13 8.47
N ARG A 532 46.04 2.03 7.74
CA ARG A 532 46.26 2.05 6.29
C ARG A 532 45.16 1.28 5.56
N GLY A 533 44.58 1.91 4.52
CA GLY A 533 43.66 1.20 3.64
C GLY A 533 42.24 1.02 4.15
N LEU A 534 41.27 1.62 3.47
CA LEU A 534 39.86 1.45 3.81
C LEU A 534 39.38 0.17 3.14
N ARG A 535 39.49 -0.95 3.85
N ARG A 535 39.47 -0.96 3.84
CA ARG A 535 39.11 -2.25 3.33
CA ARG A 535 39.07 -2.25 3.30
C ARG A 535 39.63 -2.42 1.91
C ARG A 535 39.64 -2.45 1.89
N ALA A 536 40.96 -2.33 1.79
CA ALA A 536 41.60 -2.27 0.48
C ALA A 536 41.40 -3.55 -0.35
N GLN A 537 41.47 -4.73 0.29
CA GLN A 537 41.24 -5.98 -0.44
C GLN A 537 39.81 -6.06 -0.98
N ALA A 538 38.83 -5.84 -0.11
CA ALA A 538 37.43 -5.89 -0.53
C ALA A 538 37.12 -4.82 -1.57
N CYS A 539 37.67 -3.63 -1.42
CA CYS A 539 37.31 -2.58 -2.37
C CYS A 539 37.97 -2.78 -3.74
N ALA A 540 39.04 -3.57 -3.84
CA ALA A 540 39.57 -3.93 -5.16
C ALA A 540 38.55 -4.73 -5.95
N PHE A 541 37.81 -5.61 -5.27
CA PHE A 541 36.77 -6.40 -5.92
C PHE A 541 35.67 -5.51 -6.49
N TRP A 542 35.09 -4.64 -5.64
CA TRP A 542 33.96 -3.83 -6.06
C TRP A 542 34.37 -2.71 -7.01
N ASN A 543 35.53 -2.11 -6.77
CA ASN A 543 35.92 -0.93 -7.54
C ASN A 543 36.68 -1.26 -8.81
N ARG A 544 37.46 -2.36 -8.83
CA ARG A 544 38.25 -2.76 -9.99
C ARG A 544 37.63 -3.92 -10.77
N PHE A 545 37.33 -5.03 -10.11
CA PHE A 545 36.96 -6.24 -10.86
C PHE A 545 35.50 -6.23 -11.27
N LEU A 546 34.59 -6.05 -10.32
CA LEU A 546 33.16 -6.17 -10.61
C LEU A 546 32.67 -5.32 -11.79
N PRO A 547 33.14 -4.09 -12.02
CA PRO A 547 32.73 -3.40 -13.26
C PRO A 547 33.19 -4.10 -14.54
N LYS A 548 34.42 -4.62 -14.59
CA LYS A 548 34.87 -5.36 -15.77
C LYS A 548 33.99 -6.59 -16.02
N LEU A 549 33.55 -7.24 -14.95
CA LEU A 549 32.69 -8.42 -15.08
C LEU A 549 31.34 -8.05 -15.67
N LEU A 550 30.73 -6.96 -15.20
CA LEU A 550 29.43 -6.54 -15.71
C LEU A 550 29.51 -6.04 -17.15
N SER A 551 30.68 -5.54 -17.58
CA SER A 551 30.87 -5.13 -18.98
C SER A 551 30.98 -6.32 -19.94
N ALA A 552 31.18 -7.54 -19.46
CA ALA A 552 31.35 -8.72 -20.31
C ALA A 552 30.49 -9.90 -19.85
N GLU B 14 -51.54 -8.29 23.46
CA GLU B 14 -50.22 -8.31 22.85
C GLU B 14 -49.58 -9.70 22.93
N ASP B 15 -48.82 -10.07 21.89
CA ASP B 15 -48.17 -11.38 21.80
C ASP B 15 -46.74 -11.27 22.30
N ALA B 16 -46.43 -11.99 23.38
CA ALA B 16 -45.10 -11.85 23.97
C ALA B 16 -44.03 -12.56 23.18
N GLU B 17 -44.39 -13.49 22.29
CA GLU B 17 -43.40 -14.04 21.37
C GLU B 17 -42.83 -12.97 20.45
N LEU B 18 -43.59 -11.91 20.19
CA LEU B 18 -43.21 -10.90 19.21
C LEU B 18 -42.49 -9.73 19.85
N LEU B 19 -42.11 -9.86 21.11
CA LEU B 19 -41.46 -8.80 21.87
C LEU B 19 -40.10 -9.32 22.30
N VAL B 20 -39.07 -8.54 22.02
CA VAL B 20 -37.70 -8.95 22.25
C VAL B 20 -36.92 -7.70 22.63
N THR B 21 -36.01 -7.82 23.57
CA THR B 21 -35.13 -6.71 23.87
C THR B 21 -33.72 -7.10 23.49
N VAL B 22 -33.05 -6.20 22.78
CA VAL B 22 -31.65 -6.37 22.42
C VAL B 22 -30.92 -5.24 23.10
N ARG B 23 -29.60 -5.19 22.93
CA ARG B 23 -28.80 -4.20 23.65
C ARG B 23 -29.24 -2.77 23.39
N GLY B 24 -29.92 -2.52 22.26
CA GLY B 24 -30.29 -1.15 21.93
C GLY B 24 -31.60 -0.70 22.55
N GLY B 25 -32.48 -1.62 22.89
CA GLY B 25 -33.81 -1.30 23.38
C GLY B 25 -34.79 -2.41 23.00
N ARG B 26 -36.06 -2.06 22.90
CA ARG B 26 -37.12 -3.05 22.71
C ARG B 26 -37.59 -3.08 21.27
N LEU B 27 -37.86 -4.30 20.80
CA LEU B 27 -38.30 -4.50 19.41
C LEU B 27 -39.64 -5.23 19.40
N ARG B 28 -40.51 -4.87 18.46
CA ARG B 28 -41.78 -5.59 18.28
C ARG B 28 -41.74 -6.20 16.89
N GLY B 29 -42.07 -7.47 16.77
CA GLY B 29 -42.07 -8.14 15.47
C GLY B 29 -43.45 -8.57 15.01
N ILE B 30 -43.50 -9.51 14.10
CA ILE B 30 -44.79 -9.91 13.49
C ILE B 30 -44.81 -11.43 13.31
N ARG B 31 -45.98 -12.04 13.43
CA ARG B 31 -46.13 -13.49 13.20
C ARG B 31 -46.44 -13.70 11.72
N LEU B 32 -45.57 -14.41 11.04
CA LEU B 32 -45.74 -14.64 9.58
C LEU B 32 -46.36 -16.02 9.38
N LYS B 33 -47.18 -16.14 8.35
CA LYS B 33 -47.80 -17.42 8.06
C LYS B 33 -47.05 -18.13 6.95
N THR B 34 -46.70 -19.39 7.16
CA THR B 34 -46.05 -20.20 6.10
C THR B 34 -46.96 -21.41 5.89
N PRO B 35 -46.97 -22.03 4.70
CA PRO B 35 -47.75 -23.25 4.50
C PRO B 35 -47.61 -24.26 5.65
N GLY B 36 -46.45 -24.39 6.26
CA GLY B 36 -46.17 -25.36 7.30
C GLY B 36 -46.39 -24.91 8.73
N GLY B 37 -46.76 -23.65 8.96
CA GLY B 37 -46.85 -23.15 10.33
C GLY B 37 -46.32 -21.74 10.45
N PRO B 38 -46.42 -21.16 11.64
CA PRO B 38 -46.02 -19.76 11.82
C PRO B 38 -44.53 -19.58 12.10
N VAL B 39 -44.10 -18.34 11.91
CA VAL B 39 -42.72 -17.93 12.04
C VAL B 39 -42.73 -16.54 12.64
N SER B 40 -41.84 -16.30 13.60
CA SER B 40 -41.64 -14.93 14.10
C SER B 40 -40.67 -14.18 13.19
N ALA B 41 -41.02 -12.93 12.86
CA ALA B 41 -40.16 -12.15 11.99
C ALA B 41 -39.95 -10.77 12.60
N PHE B 42 -38.69 -10.34 12.64
CA PHE B 42 -38.29 -9.03 13.11
C PHE B 42 -37.60 -8.32 11.95
N LEU B 43 -38.38 -7.56 11.19
CA LEU B 43 -37.96 -6.97 9.93
C LEU B 43 -37.69 -5.48 10.10
N GLY B 44 -36.54 -5.02 9.63
CA GLY B 44 -36.17 -3.62 9.72
C GLY B 44 -35.63 -3.18 11.07
N ILE B 45 -34.77 -3.99 11.69
CA ILE B 45 -34.09 -3.63 12.94
C ILE B 45 -32.93 -2.72 12.63
N PRO B 46 -32.90 -1.49 13.16
CA PRO B 46 -31.75 -0.62 12.92
C PRO B 46 -30.49 -1.17 13.57
N PHE B 47 -29.38 -1.17 12.80
CA PHE B 47 -28.11 -1.59 13.39
C PHE B 47 -27.01 -0.55 13.23
N ALA B 48 -27.26 0.51 12.46
CA ALA B 48 -26.32 1.61 12.34
C ALA B 48 -27.07 2.94 12.36
N GLU B 49 -26.36 4.01 12.74
CA GLU B 49 -26.86 5.35 12.51
C GLU B 49 -26.98 5.60 11.00
N PRO B 50 -28.05 6.24 10.54
CA PRO B 50 -28.25 6.43 9.10
C PRO B 50 -27.06 7.14 8.45
N PRO B 51 -26.42 6.50 7.48
CA PRO B 51 -25.19 7.07 6.86
C PRO B 51 -25.49 8.17 5.85
N MET B 52 -26.01 9.29 6.36
CA MET B 52 -26.49 10.39 5.54
C MET B 52 -25.74 11.67 5.86
N GLY B 53 -25.83 12.62 4.91
CA GLY B 53 -25.20 13.91 5.06
C GLY B 53 -23.70 13.80 5.26
N PRO B 54 -23.24 14.27 6.42
CA PRO B 54 -21.80 14.13 6.74
C PRO B 54 -21.35 12.68 6.85
N ARG B 55 -22.26 11.74 7.12
CA ARG B 55 -21.89 10.35 7.28
C ARG B 55 -21.87 9.57 5.97
N ARG B 56 -22.18 10.21 4.85
CA ARG B 56 -22.04 9.56 3.56
C ARG B 56 -20.58 9.25 3.29
N PHE B 57 -20.30 8.02 2.84
CA PHE B 57 -18.98 7.45 2.52
C PHE B 57 -18.17 7.06 3.75
N LEU B 58 -18.66 7.30 4.96
CA LEU B 58 -17.89 6.99 6.15
C LEU B 58 -18.24 5.62 6.68
N PRO B 59 -17.34 4.99 7.43
CA PRO B 59 -17.66 3.73 8.10
C PRO B 59 -18.96 3.86 8.88
N PRO B 60 -19.70 2.77 9.07
CA PRO B 60 -20.95 2.86 9.83
C PRO B 60 -20.68 3.05 11.31
N GLU B 61 -21.53 3.88 11.95
CA GLU B 61 -21.46 3.89 13.40
C GLU B 61 -22.59 3.07 13.99
N PRO B 62 -22.35 2.40 15.12
CA PRO B 62 -23.41 1.59 15.73
C PRO B 62 -24.63 2.44 16.10
N LYS B 63 -25.80 1.81 15.99
CA LYS B 63 -27.05 2.47 16.35
C LYS B 63 -27.07 2.86 17.82
N GLN B 64 -27.34 4.13 18.08
N GLN B 64 -27.34 4.13 18.09
CA GLN B 64 -27.47 4.61 19.45
CA GLN B 64 -27.44 4.58 19.47
C GLN B 64 -28.72 4.01 20.10
C GLN B 64 -28.71 4.01 20.10
N PRO B 65 -28.65 3.59 21.37
CA PRO B 65 -29.82 2.99 22.01
C PRO B 65 -31.04 3.91 22.00
N TRP B 66 -32.22 3.30 22.12
CA TRP B 66 -33.50 3.99 22.00
C TRP B 66 -34.45 3.65 23.15
N SER B 67 -35.31 4.60 23.47
CA SER B 67 -36.45 4.41 24.36
C SER B 67 -37.63 3.86 23.59
N GLY B 68 -38.55 3.24 24.33
CA GLY B 68 -39.77 2.78 23.71
C GLY B 68 -39.56 1.46 22.99
N VAL B 69 -40.46 1.18 22.05
CA VAL B 69 -40.41 -0.05 21.28
C VAL B 69 -40.29 0.33 19.81
N VAL B 70 -39.27 -0.20 19.15
CA VAL B 70 -39.14 -0.10 17.70
C VAL B 70 -40.04 -1.17 17.06
N ASP B 71 -40.90 -0.74 16.14
CA ASP B 71 -41.72 -1.66 15.36
C ASP B 71 -40.86 -2.25 14.24
N ALA B 72 -40.51 -3.52 14.36
CA ALA B 72 -39.75 -4.25 13.35
C ALA B 72 -40.69 -5.18 12.60
N THR B 73 -41.55 -4.58 11.78
CA THR B 73 -42.72 -5.29 11.28
C THR B 73 -42.79 -5.28 9.77
N THR B 74 -41.86 -4.61 9.10
CA THR B 74 -41.80 -4.61 7.65
C THR B 74 -40.38 -4.29 7.23
N PHE B 75 -40.03 -4.68 6.01
CA PHE B 75 -38.73 -4.34 5.46
C PHE B 75 -38.59 -2.83 5.31
N GLN B 76 -37.41 -2.35 5.67
CA GLN B 76 -37.07 -0.95 5.56
C GLN B 76 -36.59 -0.66 4.13
N SER B 77 -36.06 0.54 3.90
CA SER B 77 -35.76 1.01 2.56
C SER B 77 -34.56 0.28 1.95
N VAL B 78 -34.55 0.26 0.62
CA VAL B 78 -33.45 -0.24 -0.18
C VAL B 78 -32.37 0.84 -0.28
N CYS B 79 -31.11 0.48 -0.09
CA CYS B 79 -30.00 1.38 -0.26
C CYS B 79 -30.02 1.97 -1.68
N TYR B 80 -29.69 3.25 -1.84
CA TYR B 80 -29.66 3.82 -3.21
C TYR B 80 -28.85 2.97 -4.15
N GLN B 81 -29.41 2.79 -5.32
CA GLN B 81 -28.76 1.94 -6.32
C GLN B 81 -29.36 2.17 -7.68
N TYR B 82 -28.58 1.90 -8.70
CA TYR B 82 -29.07 1.86 -10.06
C TYR B 82 -30.21 0.85 -10.18
N VAL B 83 -31.20 1.18 -11.01
CA VAL B 83 -32.34 0.31 -11.24
C VAL B 83 -32.28 -0.20 -12.67
N ASP B 84 -32.29 -1.52 -12.82
CA ASP B 84 -32.13 -2.13 -14.14
C ASP B 84 -33.31 -1.81 -15.04
N THR B 85 -33.02 -1.31 -16.24
CA THR B 85 -34.06 -0.93 -17.20
C THR B 85 -33.93 -1.67 -18.53
N LEU B 86 -33.25 -2.82 -18.54
CA LEU B 86 -32.93 -3.48 -19.81
C LEU B 86 -34.18 -4.04 -20.49
N TYR B 87 -35.05 -4.71 -19.75
CA TYR B 87 -36.29 -5.23 -20.32
C TYR B 87 -37.45 -4.80 -19.43
N PRO B 88 -37.93 -3.58 -19.59
CA PRO B 88 -38.86 -2.99 -18.61
C PRO B 88 -40.15 -3.78 -18.48
N GLY B 89 -40.50 -4.13 -17.25
CA GLY B 89 -41.67 -4.93 -16.99
C GLY B 89 -41.50 -6.43 -17.11
N PHE B 90 -40.36 -6.90 -17.62
CA PHE B 90 -40.08 -8.33 -17.77
C PHE B 90 -39.83 -8.95 -16.40
N GLU B 91 -40.45 -10.10 -16.13
CA GLU B 91 -40.26 -10.77 -14.83
C GLU B 91 -38.78 -11.00 -14.53
N GLY B 92 -38.01 -11.41 -15.54
CA GLY B 92 -36.64 -11.85 -15.30
C GLY B 92 -35.70 -10.76 -14.81
N THR B 93 -35.91 -9.52 -15.25
CA THR B 93 -35.13 -8.41 -14.75
C THR B 93 -35.76 -7.72 -13.55
N GLU B 94 -37.09 -7.68 -13.48
CA GLU B 94 -37.77 -6.94 -12.42
C GLU B 94 -37.64 -7.62 -11.07
N MET B 95 -37.57 -8.95 -11.05
CA MET B 95 -37.47 -9.64 -9.77
C MET B 95 -36.23 -9.23 -8.96
N TRP B 96 -35.23 -8.60 -9.58
CA TRP B 96 -34.03 -8.18 -8.86
C TRP B 96 -34.06 -6.70 -8.49
N ASN B 97 -35.08 -5.99 -8.89
CA ASN B 97 -35.10 -4.55 -8.73
C ASN B 97 -35.65 -4.16 -7.37
N PRO B 98 -35.35 -2.97 -6.88
CA PRO B 98 -35.84 -2.58 -5.54
C PRO B 98 -37.35 -2.70 -5.45
N ASN B 99 -37.82 -3.31 -4.35
CA ASN B 99 -39.24 -3.39 -4.01
C ASN B 99 -39.58 -2.58 -2.76
N ARG B 100 -38.75 -1.61 -2.42
CA ARG B 100 -39.02 -0.60 -1.40
C ARG B 100 -38.42 0.71 -1.89
N GLU B 101 -38.78 1.80 -1.23
CA GLU B 101 -38.22 3.11 -1.56
C GLU B 101 -36.70 3.10 -1.46
N LEU B 102 -36.05 3.78 -2.41
CA LEU B 102 -34.62 4.04 -2.29
C LEU B 102 -34.36 5.12 -1.23
N SER B 103 -33.34 4.91 -0.43
CA SER B 103 -32.92 5.90 0.55
C SER B 103 -31.47 5.62 0.94
N GLU B 104 -30.76 6.65 1.40
CA GLU B 104 -29.49 6.40 2.07
C GLU B 104 -29.69 5.93 3.50
N ASP B 105 -30.86 6.19 4.10
CA ASP B 105 -31.22 5.64 5.41
C ASP B 105 -31.68 4.19 5.20
N CYS B 106 -30.72 3.25 5.19
CA CYS B 106 -31.03 1.88 4.78
C CYS B 106 -30.36 0.79 5.60
N LEU B 107 -29.60 1.13 6.63
CA LEU B 107 -28.84 0.15 7.38
C LEU B 107 -29.74 -0.51 8.43
N TYR B 108 -30.52 -1.50 7.97
CA TYR B 108 -31.40 -2.28 8.81
C TYR B 108 -31.18 -3.75 8.54
N LEU B 109 -31.42 -4.58 9.53
CA LEU B 109 -31.29 -6.02 9.33
C LEU B 109 -32.57 -6.73 9.76
N ASN B 110 -32.66 -8.00 9.43
CA ASN B 110 -33.86 -8.81 9.61
C ASN B 110 -33.54 -10.11 10.32
N VAL B 111 -34.42 -10.54 11.21
CA VAL B 111 -34.28 -11.81 11.90
C VAL B 111 -35.59 -12.58 11.73
N TRP B 112 -35.48 -13.82 11.25
CA TRP B 112 -36.57 -14.77 11.28
C TRP B 112 -36.21 -15.88 12.24
N THR B 113 -37.16 -16.26 13.08
CA THR B 113 -36.96 -17.27 14.10
C THR B 113 -38.22 -18.11 14.20
N PRO B 114 -38.11 -19.36 14.67
CA PRO B 114 -39.31 -20.21 14.78
C PRO B 114 -40.32 -19.63 15.75
N TYR B 115 -41.58 -20.05 15.59
CA TYR B 115 -42.68 -19.66 16.47
C TYR B 115 -43.22 -20.90 17.17
N PRO B 116 -43.25 -20.94 18.51
CA PRO B 116 -42.77 -19.85 19.36
C PRO B 116 -41.26 -19.85 19.39
N ARG B 117 -40.68 -18.78 19.91
CA ARG B 117 -39.25 -18.64 19.71
C ARG B 117 -38.51 -19.77 20.41
N PRO B 118 -37.35 -20.30 19.94
CA PRO B 118 -36.72 -21.48 20.56
C PRO B 118 -36.18 -21.34 22.00
N THR B 119 -36.01 -22.46 22.70
CA THR B 119 -35.53 -22.44 24.11
C THR B 119 -34.11 -22.99 24.15
N SER B 120 -33.77 -23.87 23.20
CA SER B 120 -32.38 -24.36 23.11
C SER B 120 -31.63 -23.50 22.07
N PRO B 121 -30.41 -23.01 22.36
CA PRO B 121 -29.62 -22.26 21.39
C PRO B 121 -29.65 -22.89 19.99
N THR B 122 -30.15 -22.15 19.00
CA THR B 122 -30.37 -22.72 17.64
C THR B 122 -29.35 -22.16 16.64
N PRO B 123 -28.75 -22.99 15.77
CA PRO B 123 -27.83 -22.50 14.72
C PRO B 123 -28.35 -21.35 13.85
N VAL B 124 -27.45 -20.43 13.48
CA VAL B 124 -27.86 -19.19 12.74
C VAL B 124 -27.31 -19.14 11.31
N LEU B 125 -28.16 -18.81 10.35
CA LEU B 125 -27.72 -18.59 8.95
C LEU B 125 -27.79 -17.09 8.67
N VAL B 126 -26.71 -16.48 8.21
CA VAL B 126 -26.66 -15.05 7.88
C VAL B 126 -26.52 -14.90 6.37
N TRP B 127 -27.54 -14.32 5.72
CA TRP B 127 -27.56 -14.14 4.28
C TRP B 127 -26.98 -12.80 3.84
N ILE B 128 -26.15 -12.82 2.79
CA ILE B 128 -25.63 -11.58 2.21
C ILE B 128 -25.99 -11.59 0.74
N TYR B 129 -26.84 -10.65 0.32
CA TYR B 129 -27.31 -10.66 -1.06
C TYR B 129 -26.21 -10.23 -2.02
N GLY B 130 -26.38 -10.63 -3.28
CA GLY B 130 -25.53 -10.20 -4.37
C GLY B 130 -26.13 -9.03 -5.14
N GLY B 131 -25.67 -8.86 -6.38
CA GLY B 131 -26.01 -7.68 -7.13
C GLY B 131 -24.81 -6.82 -7.50
N GLY B 132 -23.66 -7.45 -7.72
CA GLY B 132 -22.47 -6.78 -8.26
C GLY B 132 -21.89 -5.70 -7.38
N PHE B 133 -22.25 -5.64 -6.10
CA PHE B 133 -21.85 -4.57 -5.19
C PHE B 133 -22.45 -3.22 -5.60
N TYR B 134 -23.28 -3.20 -6.65
CA TYR B 134 -23.95 -1.96 -7.03
C TYR B 134 -25.45 -1.96 -6.77
N SER B 135 -26.04 -3.11 -6.41
CA SER B 135 -27.49 -3.25 -6.27
C SER B 135 -27.78 -4.39 -5.30
N GLY B 136 -29.06 -4.64 -5.08
CA GLY B 136 -29.53 -5.69 -4.21
C GLY B 136 -30.22 -5.15 -2.96
N ALA B 137 -31.00 -6.01 -2.31
CA ALA B 137 -31.74 -5.63 -1.12
C ALA B 137 -32.10 -6.89 -0.35
N SER B 138 -32.24 -6.76 0.97
CA SER B 138 -32.64 -7.94 1.73
C SER B 138 -34.14 -8.18 1.66
N SER B 139 -34.91 -7.25 1.10
CA SER B 139 -36.35 -7.35 1.04
C SER B 139 -36.87 -8.08 -0.21
N LEU B 140 -36.00 -8.47 -1.15
CA LEU B 140 -36.47 -9.12 -2.37
C LEU B 140 -37.24 -10.39 -2.04
N ASP B 141 -38.31 -10.63 -2.80
CA ASP B 141 -39.18 -11.79 -2.56
C ASP B 141 -38.39 -13.09 -2.57
N VAL B 142 -37.32 -13.14 -3.34
CA VAL B 142 -36.59 -14.39 -3.49
C VAL B 142 -35.67 -14.67 -2.31
N TYR B 143 -35.46 -13.68 -1.42
CA TYR B 143 -34.69 -13.89 -0.20
C TYR B 143 -35.59 -14.01 1.03
N ASP B 144 -36.86 -14.32 0.83
CA ASP B 144 -37.83 -14.50 1.95
C ASP B 144 -37.36 -15.66 2.82
N GLY B 145 -37.17 -15.42 4.11
CA GLY B 145 -36.62 -16.46 4.99
C GLY B 145 -37.60 -17.24 5.83
N ARG B 146 -38.90 -17.13 5.55
CA ARG B 146 -39.94 -17.82 6.35
C ARG B 146 -39.91 -19.32 6.10
N PHE B 147 -39.63 -19.74 4.87
CA PHE B 147 -39.68 -21.18 4.49
C PHE B 147 -38.52 -21.97 5.11
N LEU B 148 -37.31 -21.43 5.05
CA LEU B 148 -36.12 -22.11 5.63
C LEU B 148 -36.27 -22.19 7.15
N VAL B 149 -36.79 -21.15 7.78
CA VAL B 149 -36.87 -21.13 9.26
C VAL B 149 -37.94 -22.12 9.73
N GLN B 150 -39.04 -22.24 9.01
CA GLN B 150 -40.09 -23.20 9.37
C GLN B 150 -39.64 -24.64 9.14
N ALA B 151 -39.09 -24.94 7.96
CA ALA B 151 -38.72 -26.34 7.62
C ALA B 151 -37.51 -26.85 8.39
N GLU B 152 -36.53 -25.99 8.64
CA GLU B 152 -35.26 -26.48 9.21
C GLU B 152 -35.02 -25.95 10.61
N ARG B 153 -35.91 -25.13 11.14
CA ARG B 153 -35.81 -24.61 12.52
C ARG B 153 -34.47 -23.95 12.80
N THR B 154 -33.95 -23.13 11.88
CA THR B 154 -32.78 -22.30 12.14
C THR B 154 -33.26 -20.89 12.46
N VAL B 155 -32.36 -20.10 12.97
CA VAL B 155 -32.54 -18.67 12.94
C VAL B 155 -31.89 -18.15 11.65
N LEU B 156 -32.55 -17.21 10.98
CA LEU B 156 -32.02 -16.64 9.75
C LEU B 156 -31.92 -15.12 9.90
N VAL B 157 -30.75 -14.58 9.57
CA VAL B 157 -30.50 -13.15 9.61
C VAL B 157 -30.13 -12.68 8.21
N SER B 158 -30.56 -11.47 7.85
CA SER B 158 -30.06 -10.85 6.63
C SER B 158 -29.96 -9.36 6.89
N MET B 159 -29.08 -8.68 6.16
CA MET B 159 -28.87 -7.26 6.37
C MET B 159 -28.82 -6.52 5.05
N ASN B 160 -29.14 -5.24 5.11
CA ASN B 160 -28.79 -4.34 4.03
C ASN B 160 -27.40 -3.77 4.24
N TYR B 161 -26.70 -3.51 3.16
CA TYR B 161 -25.41 -2.88 3.23
C TYR B 161 -25.32 -1.95 2.04
N ARG B 162 -24.49 -0.92 2.16
CA ARG B 162 -24.45 0.11 1.14
C ARG B 162 -23.79 -0.44 -0.12
N VAL B 163 -24.29 0.00 -1.28
CA VAL B 163 -23.81 -0.46 -2.57
C VAL B 163 -23.44 0.76 -3.40
N GLY B 164 -22.86 0.49 -4.59
CA GLY B 164 -22.42 1.54 -5.49
C GLY B 164 -21.48 2.52 -4.83
N ALA B 165 -21.54 3.77 -5.32
CA ALA B 165 -20.64 4.78 -4.79
C ALA B 165 -20.80 4.91 -3.28
N PHE B 166 -22.02 4.75 -2.77
CA PHE B 166 -22.24 4.98 -1.35
C PHE B 166 -21.56 3.93 -0.50
N GLY B 167 -21.37 2.73 -1.06
CA GLY B 167 -20.77 1.67 -0.28
C GLY B 167 -19.30 1.47 -0.57
N PHE B 168 -18.84 1.85 -1.76
CA PHE B 168 -17.53 1.39 -2.18
C PHE B 168 -16.71 2.42 -2.95
N LEU B 169 -17.18 3.66 -3.06
CA LEU B 169 -16.33 4.71 -3.59
C LEU B 169 -15.14 4.89 -2.67
N ALA B 170 -13.94 4.91 -3.23
CA ALA B 170 -12.73 4.97 -2.43
C ALA B 170 -11.81 6.05 -2.95
N LEU B 171 -11.34 6.90 -2.05
CA LEU B 171 -10.15 7.70 -2.28
C LEU B 171 -9.14 7.14 -1.30
N PRO B 172 -8.40 6.10 -1.67
CA PRO B 172 -7.63 5.35 -0.68
C PRO B 172 -6.62 6.27 0.00
N GLY B 173 -6.44 6.06 1.30
CA GLY B 173 -5.64 6.93 2.12
C GLY B 173 -6.40 8.03 2.86
N SER B 174 -7.54 8.49 2.32
CA SER B 174 -8.27 9.64 2.89
C SER B 174 -9.11 9.22 4.10
N ARG B 175 -9.39 10.21 4.98
CA ARG B 175 -10.39 9.98 6.04
C ARG B 175 -11.81 10.00 5.52
N GLU B 176 -12.07 10.74 4.44
CA GLU B 176 -13.42 11.12 4.09
C GLU B 176 -14.11 10.10 3.20
N ALA B 177 -13.35 9.27 2.47
CA ALA B 177 -13.92 8.18 1.67
C ALA B 177 -12.91 7.05 1.66
N PRO B 178 -12.78 6.31 2.77
CA PRO B 178 -11.74 5.28 2.86
C PRO B 178 -12.00 4.08 1.98
N GLY B 179 -13.21 3.89 1.51
CA GLY B 179 -13.57 2.71 0.78
C GLY B 179 -13.95 1.56 1.71
N ASN B 180 -14.59 0.57 1.09
CA ASN B 180 -15.03 -0.67 1.72
C ASN B 180 -16.06 -0.46 2.83
N VAL B 181 -16.77 0.68 2.86
CA VAL B 181 -17.69 0.88 3.98
C VAL B 181 -18.89 -0.06 3.90
N GLY B 182 -19.31 -0.46 2.68
CA GLY B 182 -20.33 -1.49 2.56
C GLY B 182 -19.92 -2.82 3.19
N LEU B 183 -18.63 -3.15 3.14
CA LEU B 183 -18.20 -4.36 3.82
C LEU B 183 -18.21 -4.14 5.32
N LEU B 184 -17.95 -2.92 5.77
CA LEU B 184 -18.04 -2.59 7.19
C LEU B 184 -19.48 -2.61 7.68
N ASP B 185 -20.44 -2.24 6.82
CA ASP B 185 -21.85 -2.46 7.14
C ASP B 185 -22.12 -3.93 7.43
N GLN B 186 -21.67 -4.81 6.54
CA GLN B 186 -21.80 -6.24 6.76
C GLN B 186 -21.14 -6.66 8.06
N ARG B 187 -19.91 -6.18 8.30
CA ARG B 187 -19.20 -6.59 9.51
C ARG B 187 -19.95 -6.12 10.76
N LEU B 188 -20.48 -4.89 10.74
CA LEU B 188 -21.27 -4.41 11.87
C LEU B 188 -22.51 -5.27 12.09
N ALA B 189 -23.21 -5.64 11.00
CA ALA B 189 -24.34 -6.55 11.15
C ALA B 189 -23.93 -7.87 11.81
N LEU B 190 -22.73 -8.39 11.48
CA LEU B 190 -22.27 -9.65 12.05
C LEU B 190 -21.90 -9.50 13.53
N GLN B 191 -21.34 -8.35 13.93
CA GLN B 191 -21.13 -8.09 15.36
C GLN B 191 -22.45 -8.00 16.11
N TRP B 192 -23.46 -7.38 15.48
CA TRP B 192 -24.79 -7.33 16.09
C TRP B 192 -25.32 -8.74 16.32
N VAL B 193 -25.12 -9.63 15.35
CA VAL B 193 -25.55 -11.02 15.52
C VAL B 193 -24.88 -11.64 16.73
N GLN B 194 -23.58 -11.35 16.95
CA GLN B 194 -22.87 -11.93 18.07
C GLN B 194 -23.44 -11.44 19.41
N GLU B 195 -23.66 -10.14 19.53
CA GLU B 195 -24.19 -9.63 20.79
C GLU B 195 -25.67 -9.94 21.02
N ASN B 196 -26.46 -10.09 19.96
CA ASN B 196 -27.91 -10.06 20.15
C ASN B 196 -28.67 -11.29 19.69
N VAL B 197 -28.07 -12.21 18.95
CA VAL B 197 -28.92 -13.21 18.31
C VAL B 197 -29.48 -14.15 19.35
N ALA B 198 -28.79 -14.27 20.49
CA ALA B 198 -29.28 -15.14 21.55
C ALA B 198 -30.63 -14.66 22.09
N ALA B 199 -30.91 -13.36 21.97
CA ALA B 199 -32.22 -12.86 22.41
C ALA B 199 -33.36 -13.43 21.58
N PHE B 200 -33.07 -13.91 20.38
CA PHE B 200 -34.06 -14.54 19.53
C PHE B 200 -34.00 -16.06 19.59
N GLY B 201 -33.18 -16.62 20.49
CA GLY B 201 -33.00 -18.05 20.54
C GLY B 201 -31.89 -18.59 19.67
N GLY B 202 -31.16 -17.73 18.99
CA GLY B 202 -30.06 -18.19 18.19
C GLY B 202 -28.80 -18.43 19.01
N ASP B 203 -27.91 -19.20 18.42
CA ASP B 203 -26.65 -19.59 19.03
C ASP B 203 -25.51 -18.80 18.39
N PRO B 204 -24.89 -17.86 19.10
CA PRO B 204 -23.78 -17.09 18.50
C PRO B 204 -22.50 -17.90 18.32
N THR B 205 -22.43 -19.13 18.82
CA THR B 205 -21.26 -19.97 18.60
C THR B 205 -21.44 -20.95 17.44
N SER B 206 -22.55 -20.85 16.70
CA SER B 206 -22.75 -21.63 15.45
C SER B 206 -23.39 -20.70 14.42
N VAL B 207 -22.56 -19.95 13.69
CA VAL B 207 -23.02 -18.96 12.73
C VAL B 207 -22.44 -19.29 11.35
N THR B 208 -23.32 -19.47 10.37
CA THR B 208 -22.96 -19.83 8.99
C THR B 208 -23.31 -18.67 8.07
N LEU B 209 -22.29 -18.06 7.46
CA LEU B 209 -22.51 -17.05 6.42
C LEU B 209 -22.84 -17.71 5.11
N PHE B 210 -23.80 -17.16 4.38
CA PHE B 210 -24.00 -17.64 3.03
C PHE B 210 -24.49 -16.49 2.15
N GLY B 211 -24.07 -16.53 0.89
CA GLY B 211 -24.29 -15.44 -0.04
C GLY B 211 -24.10 -15.94 -1.46
N GLU B 212 -24.55 -15.11 -2.39
CA GLU B 212 -24.56 -15.47 -3.80
C GLU B 212 -24.01 -14.32 -4.62
N SER B 213 -23.19 -14.65 -5.62
CA SER B 213 -22.54 -13.68 -6.50
C SER B 213 -21.76 -12.67 -5.64
N ALA B 214 -22.00 -11.36 -5.74
CA ALA B 214 -21.28 -10.42 -4.88
C ALA B 214 -21.44 -10.73 -3.39
N GLY B 215 -22.54 -11.35 -2.99
CA GLY B 215 -22.63 -11.84 -1.62
C GLY B 215 -21.66 -12.98 -1.33
N ALA B 216 -21.46 -13.86 -2.30
CA ALA B 216 -20.48 -14.94 -2.13
C ALA B 216 -19.08 -14.37 -2.00
N ALA B 217 -18.71 -13.42 -2.89
CA ALA B 217 -17.45 -12.70 -2.74
C ALA B 217 -17.34 -11.98 -1.39
N SER B 218 -18.45 -11.42 -0.89
CA SER B 218 -18.39 -10.79 0.43
C SER B 218 -18.10 -11.82 1.51
N VAL B 219 -18.79 -12.97 1.47
CA VAL B 219 -18.50 -14.03 2.44
C VAL B 219 -17.01 -14.40 2.38
N GLY B 220 -16.45 -14.49 1.18
CA GLY B 220 -15.04 -14.83 1.05
C GLY B 220 -14.13 -13.76 1.61
N MET B 221 -14.49 -12.48 1.46
CA MET B 221 -13.61 -11.47 2.02
C MET B 221 -13.67 -11.44 3.55
N HIS B 222 -14.81 -11.81 4.15
CA HIS B 222 -14.84 -11.95 5.60
C HIS B 222 -13.98 -13.13 6.05
N LEU B 223 -13.90 -14.20 5.26
CA LEU B 223 -12.98 -15.30 5.56
C LEU B 223 -11.54 -14.82 5.65
N LEU B 224 -11.14 -13.93 4.75
CA LEU B 224 -9.77 -13.48 4.60
C LEU B 224 -9.45 -12.22 5.39
N SER B 225 -10.38 -11.75 6.19
CA SER B 225 -10.17 -10.53 6.99
C SER B 225 -10.29 -10.89 8.46
N PRO B 226 -9.20 -10.89 9.22
CA PRO B 226 -9.23 -11.44 10.59
C PRO B 226 -10.27 -10.79 11.50
N PRO B 227 -10.50 -9.47 11.46
CA PRO B 227 -11.54 -8.91 12.36
C PRO B 227 -12.92 -9.47 12.08
N SER B 228 -13.18 -9.97 10.87
CA SER B 228 -14.46 -10.62 10.58
C SER B 228 -14.45 -12.09 10.92
N ARG B 229 -13.27 -12.72 10.87
CA ARG B 229 -13.20 -14.17 10.91
C ARG B 229 -13.68 -14.71 12.25
N GLY B 230 -13.58 -13.90 13.32
CA GLY B 230 -14.08 -14.29 14.63
C GLY B 230 -15.60 -14.24 14.77
N LEU B 231 -16.30 -13.77 13.75
CA LEU B 231 -17.74 -13.54 13.87
C LEU B 231 -18.58 -14.66 13.26
N PHE B 232 -17.98 -15.71 12.73
CA PHE B 232 -18.72 -16.83 12.14
C PHE B 232 -17.84 -18.07 12.15
N HIS B 233 -18.43 -19.20 11.74
CA HIS B 233 -17.75 -20.50 11.85
C HIS B 233 -17.79 -21.33 10.58
N ARG B 234 -18.71 -21.06 9.67
CA ARG B 234 -18.88 -21.82 8.45
C ARG B 234 -19.29 -20.85 7.35
N ALA B 235 -19.06 -21.25 6.11
CA ALA B 235 -19.32 -20.35 4.99
C ALA B 235 -19.90 -21.14 3.83
N VAL B 236 -20.84 -20.50 3.11
CA VAL B 236 -21.37 -21.00 1.85
C VAL B 236 -21.20 -19.91 0.79
N LEU B 237 -20.50 -20.23 -0.30
CA LEU B 237 -20.29 -19.30 -1.41
C LEU B 237 -20.99 -19.88 -2.64
N GLN B 238 -22.01 -19.20 -3.12
CA GLN B 238 -22.79 -19.60 -4.27
C GLN B 238 -22.46 -18.69 -5.45
N SER B 239 -21.84 -19.24 -6.49
CA SER B 239 -21.61 -18.53 -7.74
C SER B 239 -20.82 -17.23 -7.54
N GLY B 240 -19.83 -17.27 -6.68
CA GLY B 240 -19.02 -16.09 -6.46
C GLY B 240 -17.84 -16.43 -5.58
N ALA B 241 -16.83 -15.58 -5.63
CA ALA B 241 -15.62 -15.79 -4.84
C ALA B 241 -14.88 -14.47 -4.76
N PRO B 242 -14.12 -14.24 -3.70
CA PRO B 242 -13.46 -12.94 -3.55
C PRO B 242 -12.34 -12.72 -4.55
N ASN B 243 -11.77 -13.80 -5.09
CA ASN B 243 -10.72 -13.73 -6.10
C ASN B 243 -11.24 -13.54 -7.53
N GLY B 244 -12.54 -13.37 -7.72
CA GLY B 244 -13.05 -13.07 -9.06
C GLY B 244 -12.52 -11.77 -9.63
N PRO B 245 -12.27 -11.74 -10.95
CA PRO B 245 -11.66 -10.55 -11.57
C PRO B 245 -12.51 -9.27 -11.51
N TRP B 246 -13.75 -9.34 -11.02
CA TRP B 246 -14.65 -8.20 -10.91
C TRP B 246 -14.88 -7.74 -9.48
N ALA B 247 -14.49 -8.56 -8.50
CA ALA B 247 -14.87 -8.37 -7.09
C ALA B 247 -13.96 -7.40 -6.33
N THR B 248 -12.77 -7.12 -6.84
CA THR B 248 -11.93 -6.13 -6.19
C THR B 248 -11.29 -5.27 -7.25
N VAL B 249 -10.69 -4.19 -6.77
CA VAL B 249 -9.98 -3.26 -7.62
C VAL B 249 -8.77 -2.78 -6.83
N GLY B 250 -7.71 -2.39 -7.54
CA GLY B 250 -6.56 -1.82 -6.86
C GLY B 250 -6.77 -0.36 -6.48
N MET B 251 -5.96 0.11 -5.54
CA MET B 251 -6.07 1.48 -5.02
C MET B 251 -6.07 2.53 -6.13
N GLY B 252 -5.18 2.40 -7.13
CA GLY B 252 -5.09 3.40 -8.18
C GLY B 252 -6.34 3.46 -9.06
N GLU B 253 -6.85 2.30 -9.49
CA GLU B 253 -8.05 2.31 -10.33
C GLU B 253 -9.27 2.77 -9.54
N ALA B 254 -9.31 2.48 -8.23
CA ALA B 254 -10.38 3.01 -7.40
C ALA B 254 -10.38 4.53 -7.39
N ARG B 255 -9.21 5.14 -7.20
CA ARG B 255 -9.10 6.59 -7.19
C ARG B 255 -9.42 7.19 -8.56
N ARG B 256 -8.98 6.55 -9.64
CA ARG B 256 -9.30 7.06 -10.97
C ARG B 256 -10.81 7.10 -11.20
N ARG B 257 -11.50 5.99 -10.88
CA ARG B 257 -12.96 5.91 -11.01
C ARG B 257 -13.67 6.94 -10.11
N ALA B 258 -13.24 7.07 -8.86
CA ALA B 258 -13.85 8.05 -7.95
C ALA B 258 -13.67 9.46 -8.49
N THR B 259 -12.46 9.77 -8.94
CA THR B 259 -12.14 11.08 -9.48
C THR B 259 -12.92 11.36 -10.76
N GLN B 260 -13.07 10.36 -11.64
CA GLN B 260 -13.89 10.60 -12.83
C GLN B 260 -15.36 10.83 -12.45
N LEU B 261 -15.86 10.16 -11.42
CA LEU B 261 -17.26 10.37 -11.05
C LEU B 261 -17.44 11.78 -10.53
N ALA B 262 -16.54 12.22 -9.65
CA ALA B 262 -16.55 13.58 -9.13
C ALA B 262 -16.54 14.60 -10.27
N HIS B 263 -15.66 14.43 -11.24
CA HIS B 263 -15.59 15.37 -12.35
C HIS B 263 -16.90 15.39 -13.12
N LEU B 264 -17.51 14.22 -13.34
CA LEU B 264 -18.70 14.15 -14.17
C LEU B 264 -19.90 14.81 -13.49
N VAL B 265 -19.92 14.88 -12.16
CA VAL B 265 -21.02 15.51 -11.42
C VAL B 265 -20.64 16.91 -10.96
N GLY B 266 -19.57 17.48 -11.51
CA GLY B 266 -19.19 18.85 -11.24
C GLY B 266 -18.27 19.10 -10.06
N CYS B 267 -17.69 18.07 -9.48
CA CYS B 267 -16.89 18.33 -8.28
C CYS B 267 -15.41 18.44 -8.61
N PRO B 268 -14.69 19.40 -7.98
CA PRO B 268 -13.26 19.63 -8.20
C PRO B 268 -12.41 18.38 -8.01
N ASN B 275 -6.93 17.77 -3.11
CA ASN B 275 -7.46 17.71 -1.74
C ASN B 275 -8.63 16.75 -1.66
N ASP B 276 -8.45 15.64 -0.95
CA ASP B 276 -9.53 14.66 -0.88
C ASP B 276 -10.69 15.17 -0.04
N THR B 277 -10.39 15.89 1.05
CA THR B 277 -11.44 16.50 1.85
C THR B 277 -12.36 17.36 1.00
N GLU B 278 -11.81 18.16 0.09
CA GLU B 278 -12.76 19.08 -0.53
C GLU B 278 -13.55 18.35 -1.61
N LEU B 279 -12.92 17.40 -2.31
CA LEU B 279 -13.63 16.63 -3.32
C LEU B 279 -14.77 15.85 -2.70
N VAL B 280 -14.51 15.19 -1.57
CA VAL B 280 -15.58 14.43 -0.94
C VAL B 280 -16.67 15.36 -0.44
N ALA B 281 -16.30 16.48 0.17
CA ALA B 281 -17.28 17.43 0.68
C ALA B 281 -18.21 17.92 -0.43
N CYS B 282 -17.66 18.15 -1.63
CA CYS B 282 -18.53 18.50 -2.74
C CYS B 282 -19.39 17.31 -3.16
N LEU B 283 -18.86 16.08 -3.08
CA LEU B 283 -19.67 14.92 -3.43
C LEU B 283 -20.85 14.75 -2.47
N ARG B 284 -20.69 15.08 -1.18
CA ARG B 284 -21.81 14.89 -0.26
C ARG B 284 -22.97 15.84 -0.56
N THR B 285 -22.72 16.97 -1.21
CA THR B 285 -23.81 17.89 -1.55
C THR B 285 -24.59 17.41 -2.77
N ARG B 286 -24.16 16.35 -3.41
CA ARG B 286 -24.90 16.00 -4.60
C ARG B 286 -26.06 15.09 -4.25
N PRO B 287 -27.19 15.20 -4.95
CA PRO B 287 -28.30 14.26 -4.70
C PRO B 287 -27.88 12.84 -5.06
N ALA B 288 -28.27 11.89 -4.20
CA ALA B 288 -27.95 10.48 -4.42
C ALA B 288 -28.19 10.05 -5.86
N GLN B 289 -29.32 10.44 -6.44
CA GLN B 289 -29.62 9.99 -7.80
C GLN B 289 -28.60 10.53 -8.81
N VAL B 290 -27.99 11.68 -8.55
CA VAL B 290 -27.04 12.22 -9.51
C VAL B 290 -25.80 11.33 -9.58
N LEU B 291 -25.34 10.84 -8.43
CA LEU B 291 -24.24 9.89 -8.44
C LEU B 291 -24.63 8.61 -9.19
N VAL B 292 -25.78 8.04 -8.84
CA VAL B 292 -26.23 6.81 -9.51
C VAL B 292 -26.28 6.99 -11.02
N ASN B 293 -26.69 8.18 -11.49
CA ASN B 293 -26.86 8.39 -12.93
C ASN B 293 -25.55 8.40 -13.70
N HIS B 294 -24.42 8.53 -13.03
CA HIS B 294 -23.13 8.57 -13.70
C HIS B 294 -22.25 7.36 -13.36
N GLU B 295 -22.79 6.39 -12.63
CA GLU B 295 -22.00 5.27 -12.16
C GLU B 295 -21.34 4.49 -13.29
N TRP B 296 -22.11 4.09 -14.31
CA TRP B 296 -21.56 3.18 -15.33
C TRP B 296 -20.60 3.87 -16.29
N HIS B 297 -20.51 5.20 -16.25
CA HIS B 297 -19.61 5.96 -17.11
C HIS B 297 -18.15 5.94 -16.68
N VAL B 298 -17.82 5.51 -15.47
CA VAL B 298 -16.43 5.52 -15.05
C VAL B 298 -15.71 4.21 -15.39
N LEU B 299 -16.39 3.24 -15.98
CA LEU B 299 -15.73 1.97 -16.30
C LEU B 299 -14.71 2.17 -17.42
N PRO B 300 -13.48 1.59 -17.34
CA PRO B 300 -12.44 1.88 -18.34
C PRO B 300 -12.63 1.31 -19.76
N GLN B 301 -13.36 0.21 -19.90
CA GLN B 301 -13.54 -0.44 -21.22
C GLN B 301 -14.99 -0.95 -21.37
N GLU B 302 -15.45 -1.12 -22.60
CA GLU B 302 -16.79 -1.71 -22.87
C GLU B 302 -16.75 -3.12 -22.28
N SER B 303 -17.72 -3.47 -21.44
CA SER B 303 -17.61 -4.74 -20.71
C SER B 303 -18.92 -5.35 -20.26
N VAL B 304 -18.87 -6.60 -19.82
CA VAL B 304 -20.01 -7.25 -19.15
C VAL B 304 -19.40 -7.81 -17.87
N PHE B 305 -20.17 -7.97 -16.79
CA PHE B 305 -19.68 -8.54 -15.51
C PHE B 305 -18.55 -7.66 -14.93
N ARG B 306 -18.63 -6.36 -15.13
CA ARG B 306 -17.65 -5.41 -14.54
C ARG B 306 -18.45 -4.32 -13.84
N PHE B 307 -18.07 -3.96 -12.63
CA PHE B 307 -18.87 -3.01 -11.84
C PHE B 307 -17.99 -1.84 -11.38
N SER B 308 -18.54 -0.66 -11.32
CA SER B 308 -17.75 0.57 -11.05
C SER B 308 -17.16 0.66 -9.64
N PHE B 309 -17.95 0.40 -8.62
CA PHE B 309 -17.45 0.61 -7.24
C PHE B 309 -17.50 -0.71 -6.47
N VAL B 310 -16.33 -1.32 -6.22
CA VAL B 310 -16.28 -2.64 -5.63
C VAL B 310 -15.25 -2.58 -4.49
N PRO B 311 -15.13 -3.60 -3.65
CA PRO B 311 -14.07 -3.59 -2.63
C PRO B 311 -12.70 -3.26 -3.21
N VAL B 312 -11.89 -2.57 -2.39
CA VAL B 312 -10.52 -2.14 -2.82
C VAL B 312 -9.49 -2.83 -1.93
N VAL B 313 -8.32 -3.15 -2.50
CA VAL B 313 -7.21 -3.72 -1.69
C VAL B 313 -6.38 -2.55 -1.20
N ASP B 314 -6.59 -2.13 0.05
CA ASP B 314 -5.92 -0.93 0.62
C ASP B 314 -5.05 -1.34 1.81
N GLY B 315 -4.99 -2.62 2.12
CA GLY B 315 -4.18 -3.11 3.26
C GLY B 315 -4.93 -3.18 4.57
N ASP B 316 -6.20 -2.79 4.60
CA ASP B 316 -6.97 -2.76 5.87
C ASP B 316 -7.94 -3.94 5.95
N PHE B 317 -9.09 -3.87 5.28
CA PHE B 317 -10.02 -5.03 5.27
C PHE B 317 -9.30 -6.21 4.60
N LEU B 318 -8.63 -5.94 3.49
CA LEU B 318 -7.84 -6.98 2.82
C LEU B 318 -6.36 -6.57 2.88
N SER B 319 -5.55 -7.34 3.59
CA SER B 319 -4.09 -7.08 3.72
C SER B 319 -3.41 -7.21 2.37
N ASP B 320 -3.82 -8.20 1.58
CA ASP B 320 -3.27 -8.37 0.22
C ASP B 320 -4.43 -8.69 -0.71
N THR B 321 -4.13 -8.99 -1.96
CA THR B 321 -5.18 -9.41 -2.85
C THR B 321 -5.77 -10.73 -2.36
N PRO B 322 -7.04 -10.98 -2.67
CA PRO B 322 -7.63 -12.26 -2.25
C PRO B 322 -6.89 -13.48 -2.79
N GLU B 323 -6.37 -13.43 -4.02
N GLU B 323 -6.37 -13.43 -4.02
CA GLU B 323 -5.58 -14.56 -4.52
CA GLU B 323 -5.58 -14.55 -4.52
C GLU B 323 -4.37 -14.83 -3.62
C GLU B 323 -4.37 -14.83 -3.62
N ALA B 324 -3.66 -13.79 -3.21
CA ALA B 324 -2.52 -14.02 -2.31
C ALA B 324 -2.98 -14.51 -0.93
N LEU B 325 -4.06 -13.95 -0.39
CA LEU B 325 -4.49 -14.35 0.96
C LEU B 325 -5.01 -15.78 0.97
N ILE B 326 -5.70 -16.18 -0.10
CA ILE B 326 -6.11 -17.57 -0.26
C ILE B 326 -4.89 -18.49 -0.28
N ASN B 327 -3.89 -18.17 -1.11
CA ASN B 327 -2.74 -19.07 -1.28
C ASN B 327 -1.93 -19.22 -0.01
N ALA B 328 -1.96 -18.23 0.87
CA ALA B 328 -1.12 -18.22 2.06
C ALA B 328 -1.89 -18.55 3.33
N GLY B 329 -3.16 -18.88 3.24
CA GLY B 329 -3.99 -19.02 4.42
C GLY B 329 -3.92 -20.41 5.03
N ASP B 330 -4.05 -20.45 6.35
CA ASP B 330 -4.29 -21.68 7.08
C ASP B 330 -5.78 -21.73 7.42
N PHE B 331 -6.47 -22.74 6.89
CA PHE B 331 -7.92 -22.83 7.00
C PHE B 331 -8.36 -24.05 7.81
N HIS B 332 -7.44 -24.67 8.55
CA HIS B 332 -7.84 -25.74 9.44
C HIS B 332 -8.93 -25.26 10.37
N GLY B 333 -9.93 -26.11 10.57
CA GLY B 333 -11.04 -25.76 11.44
C GLY B 333 -12.23 -25.12 10.73
N LEU B 334 -12.14 -24.91 9.42
CA LEU B 334 -13.19 -24.29 8.64
C LEU B 334 -13.90 -25.33 7.79
N GLN B 335 -15.22 -25.19 7.66
CA GLN B 335 -15.99 -25.94 6.68
C GLN B 335 -16.60 -24.95 5.69
N VAL B 336 -16.58 -25.32 4.40
CA VAL B 336 -17.04 -24.45 3.32
C VAL B 336 -17.88 -25.28 2.36
N LEU B 337 -18.96 -24.68 1.87
CA LEU B 337 -19.81 -25.25 0.82
C LEU B 337 -19.83 -24.26 -0.33
N VAL B 338 -19.44 -24.71 -1.52
CA VAL B 338 -19.26 -23.83 -2.67
C VAL B 338 -19.88 -24.44 -3.89
N GLY B 339 -20.28 -23.59 -4.83
CA GLY B 339 -20.95 -24.15 -5.99
C GLY B 339 -21.23 -23.09 -7.02
N VAL B 340 -21.74 -23.56 -8.16
CA VAL B 340 -22.05 -22.74 -9.31
C VAL B 340 -23.32 -23.30 -9.93
N VAL B 341 -23.94 -22.50 -10.79
CA VAL B 341 -25.05 -23.00 -11.61
C VAL B 341 -24.49 -23.55 -12.91
N LYS B 342 -25.31 -24.23 -13.73
CA LYS B 342 -24.77 -24.86 -14.93
C LYS B 342 -24.41 -23.88 -16.03
N ASP B 343 -25.07 -22.72 -16.16
CA ASP B 343 -24.72 -21.76 -17.23
C ASP B 343 -24.42 -20.38 -16.63
N GLU B 344 -23.24 -20.23 -16.05
CA GLU B 344 -22.93 -18.99 -15.29
C GLU B 344 -22.84 -17.70 -16.11
N GLY B 345 -22.53 -17.75 -17.41
CA GLY B 345 -22.27 -16.50 -18.15
C GLY B 345 -23.34 -16.05 -19.12
N SER B 346 -24.35 -16.86 -19.38
CA SER B 346 -25.43 -16.55 -20.36
C SER B 346 -26.13 -15.21 -20.08
N TYR B 347 -26.56 -14.95 -18.85
CA TYR B 347 -27.32 -13.74 -18.46
C TYR B 347 -26.51 -12.48 -18.78
N PHE B 348 -25.20 -12.52 -18.62
CA PHE B 348 -24.32 -11.34 -18.82
C PHE B 348 -24.26 -10.89 -20.28
N LEU B 349 -24.34 -11.81 -21.22
CA LEU B 349 -24.18 -11.49 -22.67
C LEU B 349 -25.25 -10.54 -23.21
N VAL B 350 -26.47 -10.58 -22.69
CA VAL B 350 -27.58 -9.71 -23.16
C VAL B 350 -27.37 -8.27 -22.67
N TYR B 351 -26.36 -8.04 -21.83
CA TYR B 351 -26.07 -6.70 -21.28
C TYR B 351 -24.92 -6.02 -22.02
N GLY B 352 -24.52 -6.49 -23.20
CA GLY B 352 -23.49 -5.75 -23.96
C GLY B 352 -22.69 -6.54 -24.98
N ALA B 353 -22.82 -7.85 -25.02
CA ALA B 353 -22.13 -8.61 -26.09
C ALA B 353 -22.88 -8.48 -27.41
N PRO B 354 -22.17 -8.23 -28.53
CA PRO B 354 -22.81 -8.12 -29.84
C PRO B 354 -23.56 -9.35 -30.36
N GLY B 355 -24.77 -9.16 -30.88
CA GLY B 355 -25.59 -10.26 -31.41
C GLY B 355 -26.46 -10.95 -30.37
N PHE B 356 -26.52 -10.42 -29.15
CA PHE B 356 -27.24 -11.15 -28.08
C PHE B 356 -28.57 -10.50 -27.70
N SER B 357 -29.63 -11.29 -27.61
CA SER B 357 -30.95 -10.81 -27.15
C SER B 357 -31.62 -11.93 -26.39
N LYS B 358 -32.55 -11.59 -25.49
CA LYS B 358 -33.35 -12.64 -24.83
C LYS B 358 -34.51 -12.97 -25.76
N ASP B 359 -34.62 -12.24 -26.87
CA ASP B 359 -35.81 -12.38 -27.69
C ASP B 359 -35.58 -13.06 -29.03
N ASN B 360 -34.34 -13.46 -29.32
CA ASN B 360 -34.08 -14.36 -30.44
C ASN B 360 -33.16 -15.45 -29.89
N GLU B 361 -32.55 -16.21 -30.78
CA GLU B 361 -31.70 -17.30 -30.35
C GLU B 361 -30.24 -16.90 -30.19
N SER B 362 -29.90 -15.64 -30.48
CA SER B 362 -28.56 -15.12 -30.26
C SER B 362 -27.49 -16.00 -30.93
N LEU B 363 -27.77 -16.43 -32.15
CA LEU B 363 -26.86 -17.29 -32.92
C LEU B 363 -25.85 -16.38 -33.60
N ILE B 364 -24.71 -16.16 -32.95
CA ILE B 364 -23.78 -15.12 -33.36
C ILE B 364 -22.85 -15.64 -34.45
N SER B 365 -22.31 -14.69 -35.22
CA SER B 365 -21.28 -14.91 -36.21
C SER B 365 -19.90 -14.96 -35.57
N ARG B 366 -18.91 -15.35 -36.37
CA ARG B 366 -17.56 -15.45 -35.85
C ARG B 366 -17.00 -14.08 -35.48
N ALA B 367 -17.29 -13.06 -36.30
CA ALA B 367 -16.84 -11.73 -35.98
C ALA B 367 -17.50 -11.24 -34.70
N GLU B 368 -18.75 -11.62 -34.46
CA GLU B 368 -19.43 -11.21 -33.24
C GLU B 368 -18.83 -11.92 -32.03
N PHE B 369 -18.44 -13.18 -32.21
CA PHE B 369 -17.78 -13.92 -31.14
C PHE B 369 -16.46 -13.28 -30.75
N LEU B 370 -15.60 -13.00 -31.75
CA LEU B 370 -14.32 -12.36 -31.48
C LEU B 370 -14.51 -11.01 -30.81
N ALA B 371 -15.52 -10.26 -31.26
CA ALA B 371 -15.83 -9.00 -30.60
C ALA B 371 -16.30 -9.24 -29.17
N GLY B 372 -17.17 -10.24 -28.98
CA GLY B 372 -17.68 -10.52 -27.65
C GLY B 372 -16.61 -10.93 -26.66
N VAL B 373 -15.56 -11.59 -27.13
CA VAL B 373 -14.50 -12.03 -26.25
C VAL B 373 -13.81 -10.83 -25.60
N ARG B 374 -13.67 -9.72 -26.33
CA ARG B 374 -13.05 -8.53 -25.75
C ARG B 374 -13.98 -7.80 -24.78
N VAL B 375 -15.30 -7.93 -24.96
CA VAL B 375 -16.25 -7.39 -24.00
C VAL B 375 -16.30 -8.26 -22.77
N GLY B 376 -16.22 -9.59 -22.94
CA GLY B 376 -16.28 -10.50 -21.82
C GLY B 376 -14.97 -10.66 -21.08
N VAL B 377 -13.84 -10.39 -21.71
CA VAL B 377 -12.56 -10.46 -21.00
C VAL B 377 -11.89 -9.10 -21.15
N PRO B 378 -12.45 -8.05 -20.54
CA PRO B 378 -11.95 -6.70 -20.78
C PRO B 378 -10.62 -6.44 -20.08
N GLN B 379 -9.89 -5.45 -20.60
CA GLN B 379 -8.61 -5.04 -20.01
C GLN B 379 -7.57 -6.17 -19.92
N VAL B 380 -7.50 -7.04 -20.94
CA VAL B 380 -6.35 -7.92 -21.10
C VAL B 380 -5.69 -7.60 -22.44
N SER B 381 -4.44 -8.05 -22.57
CA SER B 381 -3.67 -7.81 -23.80
C SER B 381 -4.27 -8.54 -25.01
N ASP B 382 -3.98 -8.03 -26.21
CA ASP B 382 -4.41 -8.70 -27.43
C ASP B 382 -3.92 -10.14 -27.46
N LEU B 383 -2.74 -10.40 -26.92
CA LEU B 383 -2.23 -11.76 -26.89
C LEU B 383 -3.07 -12.63 -25.96
N ALA B 384 -3.40 -12.12 -24.78
CA ALA B 384 -4.29 -12.84 -23.87
C ALA B 384 -5.62 -13.16 -24.55
N ALA B 385 -6.22 -12.17 -25.20
CA ALA B 385 -7.46 -12.37 -25.95
C ALA B 385 -7.34 -13.48 -26.97
N GLU B 386 -6.17 -13.57 -27.64
CA GLU B 386 -5.95 -14.63 -28.62
C GLU B 386 -5.83 -15.99 -27.96
N ALA B 387 -5.23 -16.07 -26.77
CA ALA B 387 -5.23 -17.35 -26.08
C ALA B 387 -6.64 -17.77 -25.70
N VAL B 388 -7.50 -16.80 -25.36
CA VAL B 388 -8.91 -17.12 -25.07
C VAL B 388 -9.57 -17.69 -26.31
N VAL B 389 -9.39 -17.01 -27.46
CA VAL B 389 -10.03 -17.44 -28.71
C VAL B 389 -9.54 -18.84 -29.11
N LEU B 390 -8.23 -19.11 -28.91
CA LEU B 390 -7.65 -20.45 -29.09
C LEU B 390 -8.40 -21.53 -28.33
N HIS B 391 -8.62 -21.30 -27.04
N HIS B 391 -8.60 -21.32 -27.04
CA HIS B 391 -9.07 -22.37 -26.16
CA HIS B 391 -9.09 -22.41 -26.18
C HIS B 391 -10.57 -22.63 -26.31
C HIS B 391 -10.58 -22.63 -26.29
N TYR B 392 -11.34 -21.64 -26.76
CA TYR B 392 -12.80 -21.75 -26.81
C TYR B 392 -13.32 -21.86 -28.23
N THR B 393 -12.47 -21.82 -29.23
CA THR B 393 -12.88 -22.15 -30.58
C THR B 393 -12.81 -23.65 -30.79
N ASP B 394 -13.81 -24.21 -31.46
CA ASP B 394 -13.72 -25.57 -31.98
C ASP B 394 -13.20 -25.48 -33.41
N TRP B 395 -11.96 -25.93 -33.63
CA TRP B 395 -11.32 -25.71 -34.91
C TRP B 395 -11.76 -26.69 -35.99
N LEU B 396 -12.62 -27.64 -35.67
CA LEU B 396 -13.39 -28.39 -36.67
C LEU B 396 -14.69 -27.68 -37.05
N HIS B 397 -15.12 -26.66 -36.29
CA HIS B 397 -16.37 -25.93 -36.50
C HIS B 397 -16.24 -24.48 -36.08
N PRO B 398 -15.28 -23.73 -36.64
CA PRO B 398 -15.01 -22.38 -36.10
C PRO B 398 -16.08 -21.35 -36.40
N GLU B 399 -17.02 -21.62 -37.31
CA GLU B 399 -18.06 -20.67 -37.70
C GLU B 399 -19.44 -20.98 -37.17
N ASP B 400 -19.63 -22.13 -36.53
CA ASP B 400 -20.96 -22.61 -36.19
C ASP B 400 -21.62 -21.71 -35.14
N PRO B 401 -22.74 -21.05 -35.46
CA PRO B 401 -23.29 -20.04 -34.52
C PRO B 401 -23.68 -20.61 -33.17
N ALA B 402 -24.32 -21.78 -33.12
CA ALA B 402 -24.70 -22.34 -31.82
C ALA B 402 -23.49 -22.65 -30.97
N ARG B 403 -22.43 -23.21 -31.56
CA ARG B 403 -21.20 -23.48 -30.80
C ARG B 403 -20.56 -22.17 -30.33
N LEU B 404 -20.54 -21.16 -31.18
CA LEU B 404 -20.00 -19.86 -30.79
C LEU B 404 -20.81 -19.27 -29.64
N ARG B 405 -22.13 -19.41 -29.68
CA ARG B 405 -22.95 -18.90 -28.59
C ARG B 405 -22.60 -19.57 -27.27
N GLU B 406 -22.47 -20.88 -27.22
CA GLU B 406 -22.18 -21.41 -25.88
C GLU B 406 -20.75 -21.16 -25.50
N ALA B 407 -19.93 -21.01 -26.55
CA ALA B 407 -18.52 -20.77 -26.28
C ALA B 407 -18.34 -19.46 -25.55
N LEU B 408 -18.99 -18.39 -26.05
CA LEU B 408 -18.88 -17.11 -25.37
C LEU B 408 -19.46 -17.18 -23.97
N SER B 409 -20.61 -17.84 -23.82
CA SER B 409 -21.20 -18.02 -22.50
C SER B 409 -20.23 -18.69 -21.54
N ASP B 410 -19.49 -19.70 -22.02
CA ASP B 410 -18.49 -20.38 -21.20
C ASP B 410 -17.30 -19.49 -20.88
N VAL B 411 -16.84 -18.69 -21.84
CA VAL B 411 -15.75 -17.73 -21.58
C VAL B 411 -16.11 -16.87 -20.38
N VAL B 412 -17.24 -16.17 -20.49
CA VAL B 412 -17.68 -15.24 -19.46
C VAL B 412 -17.95 -15.96 -18.14
N GLY B 413 -18.56 -17.13 -18.19
CA GLY B 413 -18.85 -17.84 -16.95
C GLY B 413 -17.62 -18.44 -16.31
N ASP B 414 -16.70 -18.99 -17.11
CA ASP B 414 -15.49 -19.57 -16.55
C ASP B 414 -14.60 -18.49 -15.95
N HIS B 415 -14.42 -17.39 -16.68
CA HIS B 415 -13.51 -16.32 -16.25
C HIS B 415 -13.99 -15.66 -14.96
N ASN B 416 -15.28 -15.37 -14.87
CA ASN B 416 -15.80 -14.57 -13.76
C ASN B 416 -16.28 -15.41 -12.58
N VAL B 417 -16.79 -16.63 -12.79
CA VAL B 417 -17.32 -17.41 -11.69
C VAL B 417 -16.64 -18.76 -11.51
N VAL B 418 -16.77 -19.66 -12.49
CA VAL B 418 -16.41 -21.07 -12.26
C VAL B 418 -14.94 -21.20 -11.88
N CYS B 419 -14.07 -20.56 -12.63
CA CYS B 419 -12.66 -20.81 -12.32
C CYS B 419 -12.21 -20.09 -11.04
N PRO B 420 -12.66 -18.87 -10.74
CA PRO B 420 -12.37 -18.31 -9.40
C PRO B 420 -12.86 -19.21 -8.25
N VAL B 421 -14.07 -19.77 -8.37
CA VAL B 421 -14.59 -20.65 -7.32
C VAL B 421 -13.73 -21.90 -7.19
N ALA B 422 -13.40 -22.54 -8.32
CA ALA B 422 -12.61 -23.77 -8.28
C ALA B 422 -11.25 -23.51 -7.68
N GLN B 423 -10.63 -22.38 -8.03
CA GLN B 423 -9.35 -22.05 -7.41
C GLN B 423 -9.48 -21.93 -5.90
N LEU B 424 -10.56 -21.30 -5.42
CA LEU B 424 -10.74 -21.14 -3.97
C LEU B 424 -10.96 -22.50 -3.31
N ALA B 425 -11.90 -23.29 -3.83
CA ALA B 425 -12.16 -24.61 -3.29
C ALA B 425 -10.89 -25.45 -3.23
N GLY B 426 -10.09 -25.42 -4.29
CA GLY B 426 -8.89 -26.24 -4.31
C GLY B 426 -7.85 -25.79 -3.30
N ARG B 427 -7.63 -24.47 -3.20
CA ARG B 427 -6.69 -23.99 -2.19
C ARG B 427 -7.20 -24.25 -0.79
N LEU B 428 -8.49 -24.03 -0.53
CA LEU B 428 -9.00 -24.20 0.84
C LEU B 428 -8.89 -25.65 1.27
N ALA B 429 -9.18 -26.57 0.37
CA ALA B 429 -9.14 -27.99 0.70
C ALA B 429 -7.72 -28.44 0.99
N ALA B 430 -6.77 -28.01 0.16
CA ALA B 430 -5.37 -28.36 0.37
C ALA B 430 -4.78 -27.71 1.61
N GLN B 431 -5.40 -26.66 2.14
CA GLN B 431 -4.80 -25.93 3.24
C GLN B 431 -5.60 -26.02 4.52
N GLY B 432 -6.37 -27.09 4.68
CA GLY B 432 -6.96 -27.42 5.97
C GLY B 432 -8.47 -27.41 6.06
N ALA B 433 -9.19 -26.89 5.09
CA ALA B 433 -10.63 -26.77 5.25
C ALA B 433 -11.33 -28.01 4.70
N ARG B 434 -12.47 -28.34 5.29
CA ARG B 434 -13.36 -29.30 4.67
C ARG B 434 -14.26 -28.57 3.70
N VAL B 435 -14.22 -28.96 2.42
CA VAL B 435 -14.92 -28.29 1.34
C VAL B 435 -15.93 -29.26 0.73
N TYR B 436 -17.12 -28.76 0.42
CA TYR B 436 -18.12 -29.49 -0.34
C TYR B 436 -18.55 -28.64 -1.53
N ALA B 437 -18.74 -29.28 -2.67
CA ALA B 437 -18.92 -28.54 -3.91
C ALA B 437 -20.08 -29.13 -4.71
N TYR B 438 -20.75 -28.27 -5.46
CA TYR B 438 -21.92 -28.66 -6.23
C TYR B 438 -21.93 -27.89 -7.54
N VAL B 439 -22.63 -28.44 -8.51
CA VAL B 439 -23.09 -27.72 -9.70
C VAL B 439 -24.60 -27.84 -9.72
N PHE B 440 -25.28 -26.70 -9.78
CA PHE B 440 -26.74 -26.66 -9.73
C PHE B 440 -27.26 -26.73 -11.16
N GLU B 441 -28.08 -27.75 -11.46
CA GLU B 441 -28.36 -28.11 -12.85
C GLU B 441 -29.83 -28.11 -13.20
N HIS B 442 -30.71 -27.72 -12.29
CA HIS B 442 -32.13 -27.72 -12.58
C HIS B 442 -32.57 -26.34 -13.09
N ARG B 443 -33.27 -26.33 -14.21
CA ARG B 443 -33.85 -25.12 -14.75
C ARG B 443 -35.28 -25.00 -14.28
N ALA B 444 -35.57 -23.96 -13.50
CA ALA B 444 -36.89 -23.76 -12.93
C ALA B 444 -37.96 -23.77 -14.02
N SER B 445 -39.04 -24.51 -13.76
CA SER B 445 -40.16 -24.54 -14.69
C SER B 445 -40.75 -23.15 -14.94
N THR B 446 -40.62 -22.24 -13.96
CA THR B 446 -41.19 -20.89 -14.05
C THR B 446 -40.24 -19.88 -14.67
N LEU B 447 -39.06 -20.29 -15.11
CA LEU B 447 -38.05 -19.33 -15.51
C LEU B 447 -38.53 -18.59 -16.75
N SER B 448 -38.32 -17.27 -16.78
CA SER B 448 -38.85 -16.48 -17.89
C SER B 448 -37.80 -16.11 -18.93
N TRP B 449 -36.52 -16.42 -18.69
CA TRP B 449 -35.48 -16.18 -19.67
C TRP B 449 -35.54 -17.25 -20.77
N PRO B 450 -34.98 -16.97 -21.95
CA PRO B 450 -35.05 -17.94 -23.05
C PRO B 450 -34.33 -19.24 -22.73
N LEU B 451 -34.71 -20.27 -23.48
CA LEU B 451 -34.20 -21.60 -23.22
C LEU B 451 -32.69 -21.70 -23.49
N TRP B 452 -32.17 -20.93 -24.44
CA TRP B 452 -30.75 -21.04 -24.75
C TRP B 452 -29.85 -20.58 -23.60
N MET B 453 -30.40 -19.87 -22.61
CA MET B 453 -29.61 -19.44 -21.46
C MET B 453 -29.39 -20.57 -20.44
N GLY B 454 -30.09 -21.70 -20.56
CA GLY B 454 -29.86 -22.81 -19.65
C GLY B 454 -30.29 -22.47 -18.23
N VAL B 455 -29.41 -22.73 -17.28
CA VAL B 455 -29.65 -22.40 -15.87
C VAL B 455 -28.81 -21.17 -15.54
N PRO B 456 -29.38 -19.96 -15.59
CA PRO B 456 -28.58 -18.74 -15.49
C PRO B 456 -28.14 -18.42 -14.06
N HIS B 457 -27.18 -17.51 -13.99
CA HIS B 457 -26.69 -16.94 -12.76
C HIS B 457 -27.82 -16.41 -11.89
N GLY B 458 -27.93 -16.93 -10.67
CA GLY B 458 -28.95 -16.43 -9.71
C GLY B 458 -30.20 -17.28 -9.56
N TYR B 459 -30.34 -18.36 -10.30
CA TYR B 459 -31.64 -19.09 -10.31
C TYR B 459 -31.66 -20.32 -9.40
N GLU B 460 -30.63 -20.50 -8.57
CA GLU B 460 -30.66 -21.55 -7.55
C GLU B 460 -31.17 -20.96 -6.23
N ILE B 461 -31.17 -19.63 -6.08
CA ILE B 461 -31.50 -19.01 -4.77
C ILE B 461 -32.94 -19.32 -4.33
N GLU B 462 -33.89 -19.33 -5.25
CA GLU B 462 -35.30 -19.58 -4.90
C GLU B 462 -35.45 -20.97 -4.28
N PHE B 463 -34.74 -21.96 -4.81
CA PHE B 463 -34.78 -23.35 -4.29
C PHE B 463 -34.15 -23.44 -2.89
N ILE B 464 -33.05 -22.74 -2.64
CA ILE B 464 -32.37 -22.72 -1.31
C ILE B 464 -33.30 -22.08 -0.27
N PHE B 465 -34.04 -21.04 -0.64
CA PHE B 465 -34.93 -20.32 0.29
C PHE B 465 -36.33 -20.93 0.31
N GLY B 466 -36.58 -21.97 -0.49
CA GLY B 466 -37.88 -22.66 -0.45
C GLY B 466 -39.04 -21.85 -1.01
N ILE B 467 -38.77 -20.93 -1.92
CA ILE B 467 -39.83 -20.11 -2.58
C ILE B 467 -40.82 -21.03 -3.30
N PRO B 468 -40.44 -22.21 -3.86
CA PRO B 468 -41.42 -23.11 -4.43
C PRO B 468 -42.54 -23.57 -3.48
N LEU B 469 -42.29 -23.55 -2.17
CA LEU B 469 -43.33 -23.92 -1.17
C LEU B 469 -44.39 -22.81 -0.99
N ASP B 470 -44.19 -21.62 -1.53
CA ASP B 470 -45.23 -20.61 -1.54
C ASP B 470 -46.34 -21.03 -2.51
N PRO B 471 -47.60 -21.13 -2.06
CA PRO B 471 -48.61 -21.74 -2.94
C PRO B 471 -48.99 -20.85 -4.10
N SER B 472 -48.99 -19.54 -3.87
CA SER B 472 -49.25 -18.54 -4.90
C SER B 472 -48.25 -18.55 -6.06
N ARG B 473 -47.17 -19.32 -5.96
CA ARG B 473 -46.31 -19.55 -7.11
C ARG B 473 -46.61 -20.91 -7.73
N ASN B 474 -46.22 -21.06 -9.00
CA ASN B 474 -46.70 -22.19 -9.78
C ASN B 474 -45.58 -23.17 -10.08
N TYR B 475 -44.89 -23.64 -9.05
CA TYR B 475 -43.87 -24.66 -9.22
C TYR B 475 -44.51 -26.05 -9.22
N THR B 476 -43.85 -26.99 -9.89
CA THR B 476 -44.28 -28.38 -9.88
C THR B 476 -44.07 -28.99 -8.49
N ALA B 477 -44.75 -30.11 -8.26
CA ALA B 477 -44.61 -30.78 -6.97
C ALA B 477 -43.18 -31.31 -6.78
N GLU B 478 -42.51 -31.67 -7.87
CA GLU B 478 -41.13 -32.16 -7.81
C GLU B 478 -40.19 -31.05 -7.42
N GLU B 479 -40.42 -29.84 -7.98
CA GLU B 479 -39.62 -28.69 -7.60
C GLU B 479 -39.78 -28.40 -6.11
N LYS B 480 -40.95 -28.69 -5.54
CA LYS B 480 -41.15 -28.48 -4.10
C LYS B 480 -40.37 -29.50 -3.29
N ILE B 481 -40.34 -30.75 -3.74
CA ILE B 481 -39.51 -31.75 -3.09
C ILE B 481 -38.03 -31.39 -3.21
N PHE B 482 -37.60 -30.98 -4.39
CA PHE B 482 -36.22 -30.55 -4.60
C PHE B 482 -35.85 -29.39 -3.65
N ALA B 483 -36.72 -28.39 -3.56
CA ALA B 483 -36.49 -27.31 -2.60
C ALA B 483 -36.28 -27.84 -1.19
N GLN B 484 -37.10 -28.80 -0.77
CA GLN B 484 -36.99 -29.31 0.58
C GLN B 484 -35.69 -30.08 0.79
N ARG B 485 -35.21 -30.76 -0.26
CA ARG B 485 -33.87 -31.37 -0.21
C ARG B 485 -32.77 -30.33 -0.06
N LEU B 486 -32.80 -29.31 -0.91
CA LEU B 486 -31.76 -28.28 -0.85
C LEU B 486 -31.75 -27.54 0.48
N MET B 487 -32.93 -27.26 1.05
CA MET B 487 -32.93 -26.60 2.34
C MET B 487 -32.33 -27.51 3.41
N ARG B 488 -32.53 -28.82 3.27
CA ARG B 488 -32.01 -29.77 4.24
C ARG B 488 -30.49 -29.84 4.17
N TYR B 489 -29.92 -29.87 2.95
CA TYR B 489 -28.46 -29.84 2.79
C TYR B 489 -27.85 -28.58 3.42
N TRP B 490 -28.40 -27.41 3.07
CA TRP B 490 -27.91 -26.15 3.61
C TRP B 490 -28.01 -26.10 5.14
N ALA B 491 -29.12 -26.57 5.72
CA ALA B 491 -29.23 -26.46 7.18
C ALA B 491 -28.38 -27.52 7.88
N ASN B 492 -28.32 -28.74 7.31
CA ASN B 492 -27.38 -29.75 7.80
C ASN B 492 -25.96 -29.22 7.81
N PHE B 493 -25.54 -28.58 6.72
CA PHE B 493 -24.22 -27.96 6.70
C PHE B 493 -24.10 -26.91 7.79
N ALA B 494 -25.10 -26.02 7.93
CA ALA B 494 -25.04 -24.99 8.96
C ALA B 494 -24.92 -25.60 10.36
N ARG B 495 -25.70 -26.65 10.63
CA ARG B 495 -25.72 -27.27 11.95
C ARG B 495 -24.42 -28.00 12.26
N THR B 496 -23.91 -28.81 11.33
CA THR B 496 -22.85 -29.77 11.58
C THR B 496 -21.59 -29.57 10.75
N GLY B 497 -21.59 -28.70 9.75
CA GLY B 497 -20.44 -28.57 8.87
C GLY B 497 -20.40 -29.63 7.80
N ASP B 498 -21.53 -30.25 7.50
CA ASP B 498 -21.59 -31.43 6.66
C ASP B 498 -23.01 -31.51 6.11
N PRO B 499 -23.21 -31.42 4.80
CA PRO B 499 -24.57 -31.45 4.26
C PRO B 499 -25.24 -32.81 4.31
N ASN B 500 -24.49 -33.86 4.65
CA ASN B 500 -25.03 -35.21 4.59
C ASN B 500 -25.93 -35.51 5.78
N GLU B 501 -27.03 -36.20 5.48
CA GLU B 501 -28.01 -36.59 6.48
C GLU B 501 -27.34 -37.44 7.54
N PRO B 502 -27.36 -37.03 8.82
CA PRO B 502 -26.47 -37.64 9.82
C PRO B 502 -26.57 -39.16 9.91
N ARG B 503 -27.76 -39.74 9.65
CA ARG B 503 -27.98 -41.18 9.80
C ARG B 503 -28.80 -41.68 8.60
N ASP B 504 -28.10 -41.98 7.50
CA ASP B 504 -28.78 -42.51 6.32
C ASP B 504 -27.83 -43.20 5.35
N PRO B 508 -27.45 -41.57 -0.32
CA PRO B 508 -26.50 -41.13 -1.36
C PRO B 508 -25.61 -40.04 -0.80
N GLN B 509 -24.32 -40.32 -0.64
CA GLN B 509 -23.42 -39.44 0.07
C GLN B 509 -22.88 -38.34 -0.84
N TRP B 510 -22.63 -37.18 -0.22
CA TRP B 510 -21.98 -36.05 -0.86
C TRP B 510 -20.53 -36.03 -0.39
N PRO B 511 -19.56 -36.39 -1.23
CA PRO B 511 -18.17 -36.47 -0.77
C PRO B 511 -17.56 -35.09 -0.66
N PRO B 512 -16.61 -34.91 0.26
CA PRO B 512 -15.80 -33.67 0.25
C PRO B 512 -15.08 -33.45 -1.06
N TYR B 513 -14.89 -32.18 -1.40
CA TYR B 513 -14.07 -31.78 -2.53
C TYR B 513 -12.62 -31.70 -2.06
N THR B 514 -11.71 -32.26 -2.86
CA THR B 514 -10.28 -32.25 -2.57
C THR B 514 -9.54 -31.88 -3.84
N ALA B 515 -8.33 -31.32 -3.68
CA ALA B 515 -7.57 -30.85 -4.83
C ALA B 515 -7.22 -32.00 -5.77
N GLY B 516 -6.99 -33.19 -5.23
CA GLY B 516 -6.72 -34.35 -6.07
C GLY B 516 -7.96 -34.87 -6.79
N ALA B 517 -8.88 -35.49 -6.05
CA ALA B 517 -10.03 -36.13 -6.68
C ALA B 517 -11.03 -35.13 -7.26
N GLN B 518 -11.13 -33.91 -6.68
CA GLN B 518 -11.94 -32.84 -7.26
C GLN B 518 -13.42 -33.26 -7.40
N GLN B 519 -13.91 -34.00 -6.41
CA GLN B 519 -15.30 -34.48 -6.45
C GLN B 519 -16.32 -33.40 -6.06
N TYR B 520 -17.43 -33.39 -6.79
CA TYR B 520 -18.56 -32.50 -6.51
C TYR B 520 -19.82 -33.25 -6.89
N VAL B 521 -20.98 -32.71 -6.52
CA VAL B 521 -22.25 -33.34 -6.85
C VAL B 521 -23.08 -32.41 -7.73
N SER B 522 -23.92 -33.02 -8.57
CA SER B 522 -24.93 -32.28 -9.30
C SER B 522 -26.21 -32.20 -8.47
N LEU B 523 -26.84 -31.03 -8.48
CA LEU B 523 -28.10 -30.78 -7.79
C LEU B 523 -29.18 -30.58 -8.84
N ASP B 524 -30.06 -31.58 -8.96
CA ASP B 524 -31.24 -31.48 -9.83
C ASP B 524 -32.31 -32.42 -9.26
N LEU B 525 -33.34 -32.71 -10.07
CA LEU B 525 -34.43 -33.54 -9.58
C LEU B 525 -34.02 -34.99 -9.36
N ARG B 526 -32.97 -35.45 -9.99
CA ARG B 526 -32.47 -36.80 -9.78
C ARG B 526 -31.66 -36.83 -8.49
N PRO B 527 -31.45 -38.01 -7.89
CA PRO B 527 -30.59 -38.10 -6.72
C PRO B 527 -29.18 -37.61 -7.02
N LEU B 528 -28.42 -37.32 -5.95
CA LEU B 528 -27.04 -36.85 -6.08
C LEU B 528 -26.23 -37.80 -6.95
N GLU B 529 -25.56 -37.24 -7.94
CA GLU B 529 -24.58 -37.95 -8.76
C GLU B 529 -23.23 -37.28 -8.55
N VAL B 530 -22.21 -38.08 -8.24
CA VAL B 530 -20.87 -37.56 -8.02
C VAL B 530 -20.14 -37.43 -9.36
N ARG B 531 -19.57 -36.26 -9.58
CA ARG B 531 -18.78 -36.02 -10.81
C ARG B 531 -17.42 -35.51 -10.37
N ARG B 532 -16.47 -35.45 -11.30
CA ARG B 532 -15.09 -35.02 -10.97
C ARG B 532 -14.67 -33.85 -11.85
N GLY B 533 -14.08 -32.82 -11.27
CA GLY B 533 -13.54 -31.72 -12.08
C GLY B 533 -14.49 -30.59 -12.32
N LEU B 534 -14.26 -29.45 -11.67
CA LEU B 534 -15.07 -28.24 -11.94
C LEU B 534 -14.49 -27.55 -13.17
N ARG B 535 -14.85 -28.01 -14.36
CA ARG B 535 -14.30 -27.48 -15.64
C ARG B 535 -12.72 -27.32 -15.50
N ALA B 536 -12.19 -28.50 -15.18
CA ALA B 536 -10.73 -28.50 -14.86
C ALA B 536 -9.76 -28.12 -15.98
N GLN B 537 -9.99 -28.53 -17.22
CA GLN B 537 -9.10 -28.15 -18.34
C GLN B 537 -9.25 -26.65 -18.60
N ALA B 538 -10.48 -26.16 -18.58
CA ALA B 538 -10.72 -24.72 -18.79
C ALA B 538 -10.09 -23.93 -17.64
N CYS B 539 -10.29 -24.39 -16.42
CA CYS B 539 -9.79 -23.60 -15.31
C CYS B 539 -8.28 -23.67 -15.17
N ALA B 540 -7.63 -24.70 -15.73
CA ALA B 540 -6.16 -24.67 -15.81
C ALA B 540 -5.69 -23.47 -16.62
N PHE B 541 -6.40 -23.10 -17.67
CA PHE B 541 -6.02 -21.90 -18.46
C PHE B 541 -6.15 -20.62 -17.63
N TRP B 542 -7.32 -20.38 -17.05
CA TRP B 542 -7.59 -19.12 -16.30
C TRP B 542 -6.76 -18.99 -15.02
N ASN B 543 -6.58 -20.08 -14.29
CA ASN B 543 -5.92 -20.00 -12.97
C ASN B 543 -4.40 -20.22 -13.03
N ARG B 544 -3.87 -20.82 -14.10
CA ARG B 544 -2.42 -21.11 -14.17
C ARG B 544 -1.74 -20.36 -15.31
N PHE B 545 -2.11 -20.62 -16.56
CA PHE B 545 -1.42 -20.00 -17.72
C PHE B 545 -1.67 -18.49 -17.91
N LEU B 546 -2.92 -18.04 -17.83
CA LEU B 546 -3.21 -16.62 -18.14
C LEU B 546 -2.49 -15.65 -17.20
N PRO B 547 -2.40 -15.90 -15.88
CA PRO B 547 -1.62 -15.00 -15.04
C PRO B 547 -0.17 -14.90 -15.51
N LYS B 548 0.45 -16.02 -15.89
CA LYS B 548 1.86 -16.02 -16.36
C LYS B 548 1.99 -15.20 -17.64
N LEU B 549 1.05 -15.32 -18.56
CA LEU B 549 1.08 -14.54 -19.83
C LEU B 549 0.97 -13.05 -19.50
N LEU B 550 0.10 -12.69 -18.57
CA LEU B 550 -0.10 -11.26 -18.21
C LEU B 550 1.18 -10.67 -17.61
N SER B 551 1.94 -11.46 -16.85
CA SER B 551 3.22 -11.00 -16.24
C SER B 551 4.40 -10.99 -17.23
N ALA B 552 4.17 -11.23 -18.53
CA ALA B 552 5.26 -11.23 -19.52
C ALA B 552 4.78 -10.84 -20.93
C1 NAG C . 15.12 -13.79 14.01
C2 NAG C . 15.09 -15.30 13.71
C3 NAG C . 14.66 -15.56 12.26
C4 NAG C . 13.39 -14.81 11.92
C5 NAG C . 13.59 -13.33 12.23
C6 NAG C . 12.37 -12.48 11.98
C7 NAG C . 16.61 -16.78 14.96
C8 NAG C . 15.44 -17.08 15.85
N2 NAG C . 16.38 -15.92 13.97
O3 NAG C . 14.47 -16.96 12.09
O4 NAG C . 13.10 -15.00 10.55
O5 NAG C . 13.90 -13.19 13.63
O6 NAG C . 11.21 -13.08 12.55
O7 NAG C . 17.71 -17.29 15.14
C1 NAG C . 11.72 -15.36 10.37
C2 NAG C . 11.38 -15.10 8.90
C3 NAG C . 9.93 -15.47 8.61
C4 NAG C . 9.62 -16.88 9.12
C5 NAG C . 10.03 -17.02 10.58
C6 NAG C . 9.83 -18.41 11.12
C7 NAG C . 12.69 -13.31 7.86
C8 NAG C . 12.80 -11.84 7.59
N2 NAG C . 11.63 -13.71 8.56
O3 NAG C . 9.70 -15.40 7.21
O4 NAG C . 8.22 -17.13 9.00
O5 NAG C . 11.42 -16.71 10.71
O6 NAG C . 9.56 -18.39 12.52
O7 NAG C . 13.53 -14.11 7.43
C1 FUC C . 10.41 -12.06 13.16
C2 FUC C . 9.05 -12.72 13.41
C3 FUC C . 9.20 -13.88 14.38
C4 FUC C . 9.82 -13.38 15.70
C5 FUC C . 11.13 -12.65 15.41
C6 FUC C . 11.70 -11.93 16.62
O2 FUC C . 8.43 -13.14 12.21
O3 FUC C . 7.93 -14.44 14.69
O4 FUC C . 8.91 -12.50 16.35
O5 FUC C . 10.99 -11.64 14.38
C1 NAG D . -30.88 -10.97 -31.94
C2 NAG D . -30.40 -10.88 -33.39
C3 NAG D . -29.25 -9.89 -33.50
C4 NAG D . -29.61 -8.56 -32.86
C5 NAG D . -30.09 -8.79 -31.43
C6 NAG D . -30.56 -7.54 -30.72
C7 NAG D . -30.68 -12.89 -34.78
C8 NAG D . -31.93 -12.25 -35.31
N2 NAG D . -30.00 -12.19 -33.87
O3 NAG D . -28.94 -9.69 -34.88
O4 NAG D . -28.47 -7.71 -32.86
O5 NAG D . -31.22 -9.68 -31.46
O6 NAG D . -31.42 -6.78 -31.56
O7 NAG D . -30.32 -14.00 -35.16
C1 NAG D . -28.80 -6.41 -33.36
C2 NAG D . -27.66 -5.48 -32.94
C3 NAG D . -27.91 -4.06 -33.46
C4 NAG D . -28.21 -4.08 -34.96
C5 NAG D . -29.33 -5.07 -35.26
C6 NAG D . -29.64 -5.20 -36.73
C7 NAG D . -26.55 -6.13 -30.85
C8 NAG D . -26.56 -6.02 -29.35
N2 NAG D . -27.52 -5.48 -31.50
O3 NAG D . -26.76 -3.27 -33.21
O4 NAG D . -28.61 -2.77 -35.38
O5 NAG D . -28.96 -6.37 -34.78
O6 NAG D . -31.00 -5.54 -36.94
O7 NAG D . -25.70 -6.78 -31.45
C1 FUC D . -32.46 -6.19 -30.76
C2 FUC D . -33.09 -5.09 -31.60
C3 FUC D . -33.68 -5.70 -32.87
C4 FUC D . -34.72 -6.77 -32.50
C5 FUC D . -34.08 -7.79 -31.56
C6 FUC D . -35.08 -8.76 -30.95
O2 FUC D . -32.15 -4.08 -31.92
O3 FUC D . -34.35 -4.70 -33.63
O4 FUC D . -35.83 -6.17 -31.87
O5 FUC D . -33.40 -7.17 -30.43
N1 H0L E . 17.55 4.16 8.63
C4 H0L E . 13.50 0.95 3.74
C5 H0L E . 14.35 0.15 3.00
C6 H0L E . 13.88 -0.81 2.11
C7 H0L E . 12.52 -0.95 1.96
C8 H0L E . 12.79 -2.60 0.29
C10 H0L E . 15.69 1.25 4.66
C13 H0L E . 18.11 2.31 7.08
C15 H0L E . 18.03 5.19 9.58
C17 H0L E . 17.97 7.50 8.61
C20 H0L E . 20.72 7.62 8.41
C21 H0L E . 20.09 6.50 8.93
C22 H0L E . 16.64 4.75 7.64
C24 H0L E . 14.29 1.89 4.63
C1 H0L E . 9.39 0.42 3.23
C11 H0L E . 16.91 2.14 4.79
C12 H0L E . 17.30 2.99 6.00
C14 H0L E . 18.64 3.39 8.02
C16 H0L E . 18.72 6.42 9.01
C18 H0L E . 18.57 8.63 8.08
C19 H0L E . 19.93 8.65 8.00
C2 H0L E . 11.64 -0.13 2.72
C23 H0L E . 16.13 3.72 6.65
C3 H0L E . 12.13 0.82 3.60
C9 H0L E . 15.73 0.46 3.36
F1 H0L E . 18.17 3.95 5.42
F2 H0L E . 20.53 9.76 7.50
O1 H0L E . 10.30 -0.35 2.47
O2 H0L E . 11.92 -1.82 1.11
O3 H0L E . 16.76 0.15 2.76
N1 H0L F . -28.17 -9.78 -12.90
C4 H0L F . -25.26 -4.29 -16.27
C5 H0L F . -24.10 -4.79 -16.81
C6 H0L F . -23.31 -4.06 -17.70
C7 H0L F . -23.71 -2.77 -17.98
C8 H0L F . -21.87 -2.44 -19.44
C10 H0L F . -25.23 -6.62 -15.74
C13 H0L F . -26.81 -9.48 -14.95
C15 H0L F . -29.25 -10.49 -12.20
C17 H0L F . -29.00 -9.94 -9.77
C20 H0L F . -27.82 -12.38 -9.24
C21 H0L F . -28.25 -12.07 -10.52
C22 H0L F . -28.49 -8.37 -13.09
C24 H0L F . -25.90 -5.30 -15.36
C1 H0L F . -26.27 -0.33 -17.13
C11 H0L F . -25.01 -7.67 -14.65
C12 H0L F . -26.17 -8.46 -14.03
C14 H0L F . -27.76 -10.40 -14.17
C16 H0L F . -28.84 -10.85 -10.79
C18 H0L F . -28.58 -10.24 -8.48
C19 H0L F . -28.01 -11.47 -8.25
C2 H0L F . -24.89 -2.24 -17.42
C23 H0L F . -27.24 -7.59 -13.38
C3 H0L F . -25.66 -2.99 -16.55
C9 H0L F . -23.92 -6.18 -16.38
F1 H0L F . -25.47 -9.18 -13.02
F2 H0L F . -27.59 -11.78 -6.99
O1 H0L F . -25.17 -0.95 -17.79
O2 H0L F . -23.03 -1.92 -18.81
O3 H0L F . -22.96 -6.91 -16.56
#